data_4IV6
#
_entry.id   4IV6
#
_cell.length_a   105.820
_cell.length_b   105.820
_cell.length_c   169.490
_cell.angle_alpha   90.000
_cell.angle_beta   90.000
_cell.angle_gamma   90.000
#
_symmetry.space_group_name_H-M   'P 41 21 2'
#
loop_
_entity.id
_entity.type
_entity.pdbx_description
1 polymer 'Acyl-CoA dehydrogenase FadE3'
2 non-polymer 'DIHYDROFLAVINE-ADENINE DINUCLEOTIDE'
3 water water
#
_entity_poly.entity_id   1
_entity_poly.type   'polypeptide(L)'
_entity_poly.pdbx_seq_one_letter_code
;GPGSMALTAEEETIVKTVHDFVEKQVKPVVRELEHANTYPEELIETMKEIGIFGLAIPEPYGFGAVSMPCYVQVAEELAR
GWMSLAGAMGGHTVVSKLLLLFGTEEQKQKYLPRMATGELRATMALTEPGGGSDLQAMRTVARRDGDDYVINGSKTWISN
ARRSDLVALMCKTDPDAQPAHKGVSILLVEKVPGFDVSRDLPKLGYKGVESCELNFTDARVPVSSLLGDDEGRGFAQMMK
GLEVGRLQVAARATGVARAAFEDALRYSQERESFGKPIWQHQSVGNMLADMGTKLYAARSLLLSAAEKFDAGQRCDMEAG
MAKLFASETAMQIALDAVRVHGGYGYSTEYDVERYFRDAPLMIVGEGTNEIQRNVIAKQLVARGGLDI
;
_entity_poly.pdbx_strand_id   A,B
#
loop_
_chem_comp.id
_chem_comp.type
_chem_comp.name
_chem_comp.formula
FDA non-polymer 'DIHYDROFLAVINE-ADENINE DINUCLEOTIDE' 'C27 H35 N9 O15 P2'
#
# COMPACT_ATOMS: atom_id res chain seq x y z
N LEU A 7 5.88 -35.18 -3.75
CA LEU A 7 6.83 -34.92 -4.89
C LEU A 7 7.92 -35.99 -4.92
N THR A 8 8.43 -36.28 -6.11
CA THR A 8 9.63 -37.13 -6.25
C THR A 8 10.87 -36.47 -5.66
N ALA A 9 11.88 -37.28 -5.33
CA ALA A 9 13.13 -36.75 -4.77
C ALA A 9 13.76 -35.65 -5.65
N GLU A 10 13.74 -35.84 -6.97
CA GLU A 10 14.28 -34.85 -7.90
C GLU A 10 13.49 -33.55 -7.77
N GLU A 11 12.19 -33.66 -7.62
CA GLU A 11 11.36 -32.46 -7.54
C GLU A 11 11.50 -31.78 -6.17
N GLU A 12 11.60 -32.57 -5.10
CA GLU A 12 11.89 -32.02 -3.77
C GLU A 12 13.21 -31.24 -3.78
N THR A 13 14.21 -31.79 -4.46
CA THR A 13 15.54 -31.18 -4.53
C THR A 13 15.50 -29.83 -5.24
N ILE A 14 14.75 -29.77 -6.32
CA ILE A 14 14.54 -28.52 -7.06
C ILE A 14 13.90 -27.43 -6.16
N VAL A 15 12.80 -27.78 -5.47
CA VAL A 15 12.17 -26.84 -4.55
C VAL A 15 13.17 -26.39 -3.49
N LYS A 16 13.96 -27.31 -2.98
CA LYS A 16 14.94 -26.96 -1.95
C LYS A 16 16.05 -26.06 -2.51
N THR A 17 16.51 -26.34 -3.73
CA THR A 17 17.54 -25.49 -4.34
C THR A 17 17.01 -24.06 -4.47
N VAL A 18 15.75 -23.89 -4.87
CA VAL A 18 15.19 -22.55 -4.98
C VAL A 18 15.04 -21.88 -3.61
N HIS A 19 14.59 -22.63 -2.62
CA HIS A 19 14.44 -22.07 -1.27
C HIS A 19 15.78 -21.58 -0.76
N ASP A 20 16.80 -22.40 -0.95
CA ASP A 20 18.16 -22.04 -0.50
C ASP A 20 18.70 -20.84 -1.28
N PHE A 21 18.38 -20.78 -2.58
CA PHE A 21 18.74 -19.63 -3.43
C PHE A 21 18.13 -18.34 -2.88
N VAL A 22 16.85 -18.41 -2.54
CA VAL A 22 16.15 -17.28 -1.95
C VAL A 22 16.76 -16.89 -0.61
N GLU A 23 17.01 -17.85 0.27
CA GLU A 23 17.57 -17.54 1.58
C GLU A 23 19.01 -16.99 1.50
N LYS A 24 19.81 -17.56 0.60
CA LYS A 24 21.26 -17.27 0.61
C LYS A 24 21.62 -16.13 -0.34
N GLN A 25 20.86 -15.97 -1.41
CA GLN A 25 21.21 -15.04 -2.48
C GLN A 25 20.23 -13.89 -2.62
N VAL A 26 18.93 -14.16 -2.52
CA VAL A 26 17.95 -13.12 -2.78
C VAL A 26 17.80 -12.18 -1.58
N LYS A 27 17.49 -12.76 -0.43
CA LYS A 27 17.08 -11.99 0.71
C LYS A 27 18.14 -10.99 1.18
N PRO A 28 19.43 -11.34 1.14
CA PRO A 28 20.45 -10.34 1.50
C PRO A 28 20.47 -9.10 0.61
N VAL A 29 20.01 -9.19 -0.63
CA VAL A 29 20.17 -8.07 -1.57
C VAL A 29 18.89 -7.37 -2.02
N VAL A 30 17.75 -8.04 -1.82
CA VAL A 30 16.49 -7.56 -2.37
C VAL A 30 16.15 -6.13 -1.93
N ARG A 31 16.33 -5.81 -0.66
CA ARG A 31 15.95 -4.48 -0.18
C ARG A 31 16.60 -3.38 -1.01
N GLU A 32 17.93 -3.39 -1.12
CA GLU A 32 18.66 -2.37 -1.88
C GLU A 32 18.29 -2.35 -3.36
N LEU A 33 18.22 -3.51 -4.00
CA LEU A 33 17.85 -3.54 -5.41
C LEU A 33 16.42 -3.00 -5.64
N GLU A 34 15.47 -3.47 -4.85
CA GLU A 34 14.01 -3.14 -5.05
C GLU A 34 13.80 -1.66 -4.80
N HIS A 35 14.49 -1.13 -3.81
CA HIS A 35 14.45 0.31 -3.50
C HIS A 35 14.88 1.17 -4.69
N ALA A 36 15.94 0.76 -5.37
CA ALA A 36 16.50 1.55 -6.48
C ALA A 36 15.91 1.13 -7.83
N ASN A 37 14.93 0.23 -7.83
CA ASN A 37 14.39 -0.28 -9.09
C ASN A 37 15.50 -0.87 -10.00
N THR A 38 16.53 -1.49 -9.40
CA THR A 38 17.64 -2.07 -10.12
C THR A 38 17.27 -3.42 -10.69
N TYR A 39 17.50 -3.61 -11.99
CA TYR A 39 17.23 -4.90 -12.62
C TYR A 39 18.19 -5.95 -12.05
N PRO A 40 17.64 -7.01 -11.43
CA PRO A 40 18.46 -7.99 -10.72
C PRO A 40 19.17 -9.01 -11.65
N GLU A 41 20.15 -8.53 -12.41
CA GLU A 41 20.79 -9.33 -13.44
C GLU A 41 21.42 -10.60 -12.87
N GLU A 42 22.23 -10.47 -11.82
CA GLU A 42 22.89 -11.63 -11.23
C GLU A 42 21.88 -12.69 -10.74
N LEU A 43 20.85 -12.25 -10.03
CA LEU A 43 19.85 -13.19 -9.51
C LEU A 43 19.11 -13.90 -10.65
N ILE A 44 18.79 -13.15 -11.70
CA ILE A 44 18.10 -13.73 -12.85
C ILE A 44 19.02 -14.74 -13.50
N GLU A 45 20.28 -14.39 -13.66
CA GLU A 45 21.25 -15.29 -14.27
C GLU A 45 21.37 -16.61 -13.51
N THR A 46 21.37 -16.53 -12.18
CA THR A 46 21.41 -17.74 -11.35
C THR A 46 20.14 -18.58 -11.60
N MET A 47 19.02 -17.88 -11.75
CA MET A 47 17.74 -18.53 -12.00
C MET A 47 17.79 -19.33 -13.32
N LYS A 48 18.41 -18.74 -14.34
CA LYS A 48 18.62 -19.44 -15.61
C LYS A 48 19.46 -20.71 -15.38
N GLU A 49 20.51 -20.58 -14.57
CA GLU A 49 21.44 -21.67 -14.33
C GLU A 49 20.75 -22.81 -13.61
N ILE A 50 19.86 -22.52 -12.67
CA ILE A 50 19.22 -23.63 -11.93
CA ILE A 50 19.21 -23.61 -11.92
C ILE A 50 18.05 -24.25 -12.69
N GLY A 51 17.64 -23.63 -13.79
CA GLY A 51 16.60 -24.19 -14.65
C GLY A 51 15.21 -23.59 -14.54
N ILE A 52 15.08 -22.42 -13.94
CA ILE A 52 13.76 -21.83 -13.70
C ILE A 52 13.03 -21.53 -14.99
N PHE A 53 13.76 -21.20 -16.05
CA PHE A 53 13.15 -20.83 -17.32
C PHE A 53 12.76 -22.05 -18.19
N GLY A 54 13.10 -23.25 -17.74
CA GLY A 54 12.68 -24.48 -18.42
C GLY A 54 11.83 -25.43 -17.60
N LEU A 55 11.18 -24.93 -16.54
CA LEU A 55 10.41 -25.81 -15.67
C LEU A 55 9.23 -26.48 -16.39
N ALA A 56 8.71 -25.86 -17.45
CA ALA A 56 7.59 -26.45 -18.21
C ALA A 56 8.00 -27.06 -19.56
N ILE A 57 9.31 -27.18 -19.81
CA ILE A 57 9.80 -27.60 -21.10
C ILE A 57 10.39 -29.01 -21.06
N PRO A 58 9.72 -29.95 -21.71
CA PRO A 58 10.16 -31.32 -21.65
C PRO A 58 11.23 -31.66 -22.70
N GLU A 59 11.77 -32.86 -22.58
CA GLU A 59 12.60 -33.43 -23.61
C GLU A 59 11.79 -33.52 -24.91
N PRO A 60 12.43 -33.35 -26.07
CA PRO A 60 13.87 -33.19 -26.28
C PRO A 60 14.37 -31.74 -26.15
N TYR A 61 13.46 -30.81 -25.95
CA TYR A 61 13.82 -29.38 -26.02
C TYR A 61 14.57 -28.92 -24.78
N GLY A 62 14.18 -29.46 -23.62
CA GLY A 62 14.81 -29.08 -22.36
C GLY A 62 15.01 -30.29 -21.46
N PHE A 63 15.47 -30.05 -20.24
CA PHE A 63 15.78 -31.13 -19.30
C PHE A 63 14.56 -31.86 -18.77
N GLY A 64 13.37 -31.24 -18.84
CA GLY A 64 12.14 -31.87 -18.34
C GLY A 64 11.11 -30.91 -17.71
N ALA A 65 9.84 -31.20 -17.97
CA ALA A 65 8.73 -30.42 -17.43
C ALA A 65 8.40 -30.97 -16.04
N VAL A 66 8.67 -30.20 -14.98
CA VAL A 66 8.33 -30.65 -13.63
C VAL A 66 6.82 -30.72 -13.51
N SER A 67 6.34 -31.44 -12.50
CA SER A 67 4.91 -31.47 -12.24
C SER A 67 4.41 -30.09 -11.79
N MET A 68 3.13 -29.84 -11.99
CA MET A 68 2.55 -28.56 -11.61
C MET A 68 2.68 -28.33 -10.10
N PRO A 69 2.46 -29.37 -9.27
CA PRO A 69 2.70 -29.14 -7.82
C PRO A 69 4.10 -28.69 -7.53
N CYS A 70 5.10 -29.21 -8.23
CA CYS A 70 6.49 -28.77 -8.08
C CYS A 70 6.61 -27.33 -8.57
N TYR A 71 6.02 -27.04 -9.71
CA TYR A 71 6.09 -25.71 -10.31
C TYR A 71 5.55 -24.60 -9.37
N VAL A 72 4.34 -24.80 -8.84
CA VAL A 72 3.76 -23.81 -7.93
C VAL A 72 4.61 -23.63 -6.68
N GLN A 73 5.23 -24.69 -6.18
CA GLN A 73 6.12 -24.53 -5.03
C GLN A 73 7.35 -23.71 -5.37
N VAL A 74 7.90 -23.90 -6.57
CA VAL A 74 9.03 -23.11 -7.04
C VAL A 74 8.68 -21.63 -7.18
N ALA A 75 7.52 -21.37 -7.78
CA ALA A 75 7.09 -20.02 -8.00
C ALA A 75 6.82 -19.35 -6.66
N GLU A 76 6.22 -20.10 -5.73
CA GLU A 76 5.95 -19.59 -4.40
C GLU A 76 7.23 -19.21 -3.66
N GLU A 77 8.21 -20.11 -3.69
CA GLU A 77 9.50 -19.84 -3.07
C GLU A 77 10.14 -18.58 -3.62
N LEU A 78 10.15 -18.43 -4.95
CA LEU A 78 10.72 -17.25 -5.56
C LEU A 78 9.99 -16.00 -5.05
N ALA A 79 8.66 -16.02 -5.10
CA ALA A 79 7.87 -14.85 -4.71
C ALA A 79 8.02 -14.47 -3.26
N ARG A 80 8.21 -15.48 -2.43
CA ARG A 80 8.45 -15.28 -1.03
C ARG A 80 9.74 -14.46 -0.82
N GLY A 81 10.75 -14.68 -1.64
CA GLY A 81 11.94 -13.83 -1.56
C GLY A 81 11.68 -12.45 -2.15
N TRP A 82 11.13 -12.44 -3.38
CA TRP A 82 10.83 -11.19 -4.08
C TRP A 82 9.83 -11.48 -5.21
N MET A 83 8.66 -10.87 -5.13
CA MET A 83 7.60 -11.15 -6.09
CA MET A 83 7.61 -11.15 -6.08
C MET A 83 8.10 -10.96 -7.54
N SER A 84 8.90 -9.94 -7.74
CA SER A 84 9.39 -9.60 -9.06
C SER A 84 10.13 -10.76 -9.73
N LEU A 85 10.81 -11.59 -8.94
CA LEU A 85 11.56 -12.70 -9.53
C LEU A 85 10.64 -13.78 -10.10
N ALA A 86 9.53 -14.04 -9.41
CA ALA A 86 8.52 -14.96 -9.92
C ALA A 86 7.85 -14.32 -11.14
N GLY A 87 7.63 -13.01 -11.09
CA GLY A 87 7.08 -12.28 -12.24
C GLY A 87 7.96 -12.36 -13.46
N ALA A 88 9.28 -12.43 -13.25
CA ALA A 88 10.25 -12.50 -14.36
C ALA A 88 10.12 -13.77 -15.20
N MET A 89 9.55 -14.82 -14.64
CA MET A 89 9.38 -16.11 -15.33
C MET A 89 7.94 -16.54 -15.58
N GLY A 90 6.97 -15.75 -15.12
CA GLY A 90 5.56 -16.09 -15.22
C GLY A 90 5.08 -16.19 -16.66
N GLY A 91 5.09 -15.06 -17.36
CA GLY A 91 4.72 -15.02 -18.77
C GLY A 91 5.51 -15.99 -19.64
N HIS A 92 6.80 -16.08 -19.36
CA HIS A 92 7.69 -17.01 -20.04
C HIS A 92 7.22 -18.45 -19.94
N THR A 93 6.76 -18.84 -18.76
CA THR A 93 6.24 -20.20 -18.57
C THR A 93 4.96 -20.37 -19.42
N VAL A 94 4.12 -19.35 -19.43
CA VAL A 94 2.86 -19.42 -20.20
C VAL A 94 3.17 -19.56 -21.71
N VAL A 95 4.12 -18.78 -22.22
CA VAL A 95 4.52 -18.88 -23.64
C VAL A 95 5.06 -20.27 -23.90
N SER A 96 5.93 -20.79 -23.01
CA SER A 96 6.43 -22.16 -23.10
C SER A 96 5.26 -23.13 -23.30
N LYS A 97 4.27 -23.02 -22.42
CA LYS A 97 3.11 -23.89 -22.46
C LYS A 97 2.30 -23.74 -23.76
N LEU A 98 2.08 -22.50 -24.18
CA LEU A 98 1.39 -22.26 -25.46
C LEU A 98 2.14 -22.88 -26.62
N LEU A 99 3.46 -22.75 -26.64
CA LEU A 99 4.24 -23.39 -27.70
C LEU A 99 4.05 -24.90 -27.70
N LEU A 100 4.13 -25.53 -26.52
CA LEU A 100 3.98 -26.96 -26.44
C LEU A 100 2.62 -27.44 -26.89
N LEU A 101 1.56 -26.76 -26.43
CA LEU A 101 0.20 -27.14 -26.79
C LEU A 101 -0.18 -26.91 -28.24
N PHE A 102 0.24 -25.78 -28.80
CA PHE A 102 -0.31 -25.29 -30.09
C PHE A 102 0.71 -25.01 -31.18
N GLY A 103 1.99 -24.99 -30.84
CA GLY A 103 3.03 -24.61 -31.78
C GLY A 103 3.34 -25.69 -32.82
N THR A 104 3.73 -25.26 -34.01
CA THR A 104 4.22 -26.18 -35.01
C THR A 104 5.49 -26.85 -34.48
N GLU A 105 5.88 -27.95 -35.11
CA GLU A 105 7.15 -28.58 -34.81
C GLU A 105 8.32 -27.62 -35.06
N GLU A 106 8.28 -26.87 -36.16
CA GLU A 106 9.32 -25.88 -36.47
C GLU A 106 9.44 -24.82 -35.38
N GLN A 107 8.32 -24.29 -34.91
CA GLN A 107 8.34 -23.25 -33.88
C GLN A 107 8.90 -23.72 -32.56
N LYS A 108 8.47 -24.90 -32.18
CA LYS A 108 8.87 -25.53 -30.93
C LYS A 108 10.36 -25.74 -30.95
N GLN A 109 10.83 -26.25 -32.08
CA GLN A 109 12.22 -26.52 -32.26
C GLN A 109 13.05 -25.23 -32.31
N LYS A 110 12.51 -24.19 -32.95
CA LYS A 110 13.21 -22.91 -33.04
C LYS A 110 13.40 -22.23 -31.66
N TYR A 111 12.38 -22.28 -30.84
CA TYR A 111 12.35 -21.45 -29.64
C TYR A 111 12.54 -22.18 -28.30
N LEU A 112 11.97 -23.37 -28.16
CA LEU A 112 11.94 -24.02 -26.84
C LEU A 112 13.32 -24.36 -26.26
N PRO A 113 14.28 -24.82 -27.08
CA PRO A 113 15.58 -25.13 -26.48
C PRO A 113 16.27 -23.92 -25.81
N ARG A 114 16.24 -22.76 -26.45
CA ARG A 114 16.84 -21.55 -25.86
C ARG A 114 16.00 -20.94 -24.73
N MET A 115 14.68 -21.12 -24.80
CA MET A 115 13.82 -20.68 -23.73
C MET A 115 14.12 -21.46 -22.46
N ALA A 116 14.37 -22.77 -22.59
CA ALA A 116 14.62 -23.61 -21.40
C ALA A 116 15.84 -23.20 -20.59
N THR A 117 16.86 -22.69 -21.27
CA THR A 117 18.04 -22.19 -20.56
C THR A 117 17.91 -20.75 -20.14
N GLY A 118 16.83 -20.10 -20.60
CA GLY A 118 16.70 -18.68 -20.41
C GLY A 118 17.55 -17.85 -21.37
N GLU A 119 18.23 -18.46 -22.33
CA GLU A 119 18.94 -17.68 -23.35
C GLU A 119 17.95 -16.77 -24.07
N LEU A 120 16.75 -17.30 -24.32
CA LEU A 120 15.67 -16.54 -24.96
C LEU A 120 14.55 -16.49 -23.96
N ARG A 121 14.10 -15.28 -23.64
CA ARG A 121 12.98 -15.13 -22.75
C ARG A 121 11.79 -14.64 -23.55
N ALA A 122 10.61 -15.07 -23.12
CA ALA A 122 9.35 -14.70 -23.74
C ALA A 122 8.40 -14.08 -22.73
N THR A 123 7.47 -13.29 -23.25
CA THR A 123 6.42 -12.69 -22.44
C THR A 123 5.15 -12.58 -23.27
N MET A 124 4.03 -12.30 -22.59
CA MET A 124 2.68 -12.30 -23.19
C MET A 124 2.29 -10.86 -23.41
N ALA A 125 1.87 -10.52 -24.62
CA ALA A 125 1.37 -9.17 -24.88
C ALA A 125 -0.08 -9.18 -25.33
N LEU A 126 -0.99 -9.04 -24.37
CA LEU A 126 -2.43 -8.94 -24.64
C LEU A 126 -2.99 -7.52 -24.48
N THR A 127 -2.70 -6.93 -23.33
CA THR A 127 -3.29 -5.67 -22.89
C THR A 127 -3.00 -4.50 -23.80
N GLU A 128 -4.05 -3.77 -24.15
CA GLU A 128 -3.96 -2.54 -24.92
C GLU A 128 -4.23 -1.35 -24.01
N PRO A 129 -3.77 -0.16 -24.40
CA PRO A 129 -4.09 1.02 -23.60
C PRO A 129 -5.61 1.19 -23.46
N GLY A 130 -6.37 0.85 -24.51
CA GLY A 130 -7.83 0.99 -24.46
C GLY A 130 -8.53 -0.07 -23.62
N GLY A 131 -7.80 -1.08 -23.18
CA GLY A 131 -8.41 -2.14 -22.38
C GLY A 131 -7.63 -3.44 -22.27
N GLY A 132 -7.51 -3.91 -21.03
CA GLY A 132 -6.93 -5.23 -20.75
C GLY A 132 -7.97 -6.33 -20.52
N SER A 133 -9.19 -5.94 -20.17
CA SER A 133 -10.28 -6.88 -19.91
C SER A 133 -11.05 -7.16 -21.23
N ASP A 134 -11.45 -6.08 -21.90
CA ASP A 134 -12.20 -6.16 -23.18
C ASP A 134 -11.23 -6.34 -24.33
N LEU A 135 -10.66 -7.53 -24.44
CA LEU A 135 -9.68 -7.84 -25.50
C LEU A 135 -10.24 -7.87 -26.92
N GLN A 136 -11.53 -8.18 -27.05
CA GLN A 136 -12.16 -8.25 -28.35
C GLN A 136 -12.16 -6.87 -29.00
N ALA A 137 -12.13 -5.82 -28.17
CA ALA A 137 -12.10 -4.44 -28.67
C ALA A 137 -10.69 -3.99 -29.05
N MET A 138 -9.69 -4.88 -28.98
CA MET A 138 -8.30 -4.51 -29.25
C MET A 138 -8.12 -3.88 -30.64
N ARG A 139 -7.17 -2.95 -30.76
CA ARG A 139 -6.90 -2.29 -32.04
C ARG A 139 -5.65 -2.77 -32.80
N THR A 140 -4.82 -3.60 -32.18
CA THR A 140 -3.61 -4.06 -32.84
C THR A 140 -3.98 -5.06 -33.92
N VAL A 141 -3.51 -4.81 -35.14
CA VAL A 141 -3.87 -5.61 -36.32
C VAL A 141 -2.63 -6.19 -36.97
N ALA A 142 -2.80 -7.35 -37.59
CA ALA A 142 -1.74 -8.00 -38.32
C ALA A 142 -2.28 -8.34 -39.69
N ARG A 143 -1.89 -7.53 -40.65
CA ARG A 143 -2.42 -7.59 -42.02
C ARG A 143 -1.46 -8.39 -42.88
N ARG A 144 -1.99 -9.40 -43.55
CA ARG A 144 -1.16 -10.22 -44.40
C ARG A 144 -0.73 -9.49 -45.68
N ASP A 145 0.56 -9.54 -45.99
CA ASP A 145 1.08 -8.95 -47.22
C ASP A 145 2.18 -9.88 -47.74
N GLY A 146 1.87 -10.66 -48.76
CA GLY A 146 2.78 -11.67 -49.25
C GLY A 146 2.98 -12.75 -48.20
N ASP A 147 4.24 -12.98 -47.83
CA ASP A 147 4.58 -13.99 -46.83
C ASP A 147 4.84 -13.35 -45.46
N ASP A 148 4.40 -12.10 -45.28
CA ASP A 148 4.51 -11.38 -44.00
C ASP A 148 3.15 -10.97 -43.41
N TYR A 149 3.13 -10.79 -42.10
CA TYR A 149 2.14 -9.95 -41.45
C TYR A 149 2.75 -8.58 -41.24
N VAL A 150 1.98 -7.53 -41.49
CA VAL A 150 2.37 -6.18 -41.16
C VAL A 150 1.54 -5.74 -39.96
N ILE A 151 2.21 -5.47 -38.84
CA ILE A 151 1.55 -5.24 -37.57
C ILE A 151 1.53 -3.74 -37.28
N ASN A 152 0.34 -3.22 -36.97
CA ASN A 152 0.19 -1.85 -36.50
C ASN A 152 -0.65 -1.84 -35.23
N GLY A 153 -0.14 -1.22 -34.17
CA GLY A 153 -0.93 -1.01 -32.99
C GLY A 153 -0.07 -0.72 -31.80
N SER A 154 -0.61 -1.04 -30.63
CA SER A 154 0.07 -0.79 -29.40
C SER A 154 -0.45 -1.70 -28.29
N LYS A 155 0.45 -1.99 -27.36
CA LYS A 155 0.11 -2.68 -26.13
C LYS A 155 0.69 -1.90 -24.98
N THR A 156 0.21 -2.19 -23.76
CA THR A 156 0.81 -1.59 -22.58
C THR A 156 0.79 -2.52 -21.37
N TRP A 157 1.55 -2.12 -20.35
CA TRP A 157 1.78 -2.91 -19.16
C TRP A 157 2.40 -4.26 -19.48
N ILE A 158 3.20 -4.32 -20.52
CA ILE A 158 3.83 -5.56 -20.89
C ILE A 158 5.11 -5.85 -20.09
N SER A 159 5.02 -6.82 -19.19
CA SER A 159 6.11 -7.14 -18.28
C SER A 159 7.24 -7.83 -18.99
N ASN A 160 8.46 -7.53 -18.56
CA ASN A 160 9.67 -8.12 -19.13
C ASN A 160 9.83 -7.87 -20.62
N ALA A 161 9.21 -6.80 -21.10
CA ALA A 161 9.20 -6.52 -22.53
C ALA A 161 10.56 -6.21 -23.13
N ARG A 162 11.46 -5.55 -22.38
CA ARG A 162 12.81 -5.22 -22.88
C ARG A 162 13.72 -6.45 -22.89
N ARG A 163 13.64 -7.26 -21.86
CA ARG A 163 14.55 -8.39 -21.72
C ARG A 163 14.08 -9.61 -22.48
N SER A 164 12.79 -9.62 -22.89
CA SER A 164 12.23 -10.72 -23.66
C SER A 164 12.38 -10.46 -25.15
N ASP A 165 13.02 -11.37 -25.87
CA ASP A 165 13.18 -11.20 -27.31
C ASP A 165 12.20 -12.02 -28.11
N LEU A 166 11.22 -12.61 -27.42
CA LEU A 166 10.05 -13.18 -28.07
C LEU A 166 8.80 -12.73 -27.33
N VAL A 167 7.84 -12.19 -28.07
CA VAL A 167 6.60 -11.70 -27.49
C VAL A 167 5.44 -12.42 -28.17
N ALA A 168 4.58 -13.04 -27.36
CA ALA A 168 3.38 -13.69 -27.85
C ALA A 168 2.31 -12.61 -27.93
N LEU A 169 2.06 -12.14 -29.14
CA LEU A 169 1.24 -10.95 -29.36
C LEU A 169 -0.17 -11.35 -29.77
N MET A 170 -1.15 -11.04 -28.94
CA MET A 170 -2.53 -11.25 -29.34
C MET A 170 -2.93 -10.05 -30.17
N CYS A 171 -3.48 -10.34 -31.35
CA CYS A 171 -3.80 -9.31 -32.33
C CYS A 171 -4.84 -9.76 -33.36
N LYS A 172 -5.36 -8.79 -34.10
CA LYS A 172 -6.41 -9.04 -35.06
C LYS A 172 -5.85 -9.28 -36.46
N THR A 173 -5.81 -10.56 -36.84
CA THR A 173 -5.44 -10.96 -38.18
C THR A 173 -6.57 -10.68 -39.16
N ASP A 174 -7.81 -10.61 -38.67
CA ASP A 174 -8.92 -10.11 -39.48
C ASP A 174 -9.85 -9.23 -38.62
N PRO A 175 -9.66 -7.90 -38.66
CA PRO A 175 -10.50 -7.03 -37.84
C PRO A 175 -11.98 -7.01 -38.24
N ASP A 176 -12.33 -7.52 -39.41
CA ASP A 176 -13.72 -7.52 -39.88
C ASP A 176 -14.42 -8.88 -39.74
N ALA A 177 -13.75 -9.87 -39.16
CA ALA A 177 -14.31 -11.22 -39.02
C ALA A 177 -15.69 -11.25 -38.34
N GLN A 178 -16.53 -12.17 -38.78
CA GLN A 178 -17.86 -12.39 -38.18
C GLN A 178 -18.02 -13.88 -38.06
N PRO A 179 -18.15 -14.42 -36.83
CA PRO A 179 -18.10 -13.65 -35.59
C PRO A 179 -16.70 -13.06 -35.36
N ALA A 180 -16.62 -12.05 -34.50
CA ALA A 180 -15.41 -11.30 -34.29
C ALA A 180 -14.26 -12.14 -33.72
N HIS A 181 -14.57 -13.15 -32.91
CA HIS A 181 -13.48 -14.03 -32.38
C HIS A 181 -12.63 -14.73 -33.44
N LYS A 182 -13.19 -14.98 -34.62
CA LYS A 182 -12.43 -15.57 -35.75
C LYS A 182 -11.31 -14.66 -36.26
N GLY A 183 -11.29 -13.41 -35.82
CA GLY A 183 -10.30 -12.45 -36.32
C GLY A 183 -9.09 -12.31 -35.43
N VAL A 184 -9.08 -13.02 -34.30
CA VAL A 184 -8.04 -12.83 -33.30
C VAL A 184 -7.09 -14.01 -33.23
N SER A 185 -5.81 -13.70 -33.33
CA SER A 185 -4.76 -14.72 -33.37
C SER A 185 -3.64 -14.36 -32.42
N ILE A 186 -2.76 -15.33 -32.19
CA ILE A 186 -1.53 -15.04 -31.47
C ILE A 186 -0.36 -15.18 -32.42
N LEU A 187 0.49 -14.15 -32.46
CA LEU A 187 1.71 -14.18 -33.27
C LEU A 187 2.90 -14.18 -32.36
N LEU A 188 3.92 -14.96 -32.70
CA LEU A 188 5.17 -14.97 -31.96
C LEU A 188 6.14 -14.02 -32.61
N VAL A 189 6.34 -12.88 -31.97
CA VAL A 189 6.99 -11.74 -32.58
C VAL A 189 8.35 -11.49 -31.97
N GLU A 190 9.37 -11.50 -32.84
CA GLU A 190 10.72 -11.15 -32.45
C GLU A 190 10.93 -9.62 -32.50
N LYS A 191 12.11 -9.15 -32.10
CA LYS A 191 12.37 -7.71 -32.05
C LYS A 191 12.77 -7.15 -33.43
N VAL A 192 11.78 -7.01 -34.29
CA VAL A 192 11.95 -6.57 -35.67
C VAL A 192 11.84 -5.05 -35.80
N PRO A 193 12.29 -4.50 -36.94
CA PRO A 193 12.11 -3.04 -37.11
C PRO A 193 10.63 -2.63 -37.10
N GLY A 194 10.31 -1.52 -36.45
CA GLY A 194 8.94 -1.05 -36.36
C GLY A 194 8.27 -1.45 -35.06
N PHE A 195 8.92 -2.34 -34.31
CA PHE A 195 8.44 -2.79 -33.00
C PHE A 195 9.29 -2.06 -31.98
N ASP A 196 8.70 -1.05 -31.35
CA ASP A 196 9.39 -0.25 -30.34
CA ASP A 196 9.42 -0.30 -30.35
C ASP A 196 8.90 -0.62 -28.95
N VAL A 197 9.82 -0.77 -28.02
CA VAL A 197 9.53 -0.89 -26.59
C VAL A 197 9.72 0.52 -26.09
N SER A 198 8.61 1.23 -25.96
CA SER A 198 8.68 2.69 -26.09
C SER A 198 8.95 3.37 -24.77
N ARG A 199 8.57 2.71 -23.67
CA ARG A 199 8.64 3.36 -22.36
C ARG A 199 8.46 2.37 -21.22
N ASP A 200 9.21 2.58 -20.13
CA ASP A 200 9.06 1.85 -18.88
C ASP A 200 8.03 2.56 -17.97
N LEU A 201 7.12 1.81 -17.37
CA LEU A 201 6.06 2.45 -16.60
C LEU A 201 6.37 2.36 -15.11
N PRO A 202 6.24 3.49 -14.39
CA PRO A 202 6.60 3.52 -12.98
C PRO A 202 5.45 2.95 -12.12
N LYS A 203 5.81 2.03 -11.24
CA LYS A 203 4.89 1.13 -10.58
C LYS A 203 5.04 1.28 -9.06
N LEU A 204 3.95 0.99 -8.37
CA LEU A 204 3.91 0.90 -6.88
C LEU A 204 4.85 -0.14 -6.28
N GLY A 205 4.86 -1.33 -6.90
CA GLY A 205 5.72 -2.44 -6.49
C GLY A 205 6.09 -3.20 -7.75
N TYR A 206 6.39 -4.49 -7.65
CA TYR A 206 6.86 -5.29 -8.81
C TYR A 206 8.10 -4.60 -9.43
N LYS A 207 8.94 -4.03 -8.57
CA LYS A 207 10.08 -3.24 -9.04
C LYS A 207 11.25 -4.13 -9.46
N GLY A 208 12.19 -3.58 -10.20
CA GLY A 208 13.30 -4.39 -10.73
C GLY A 208 12.98 -4.95 -12.11
N VAL A 209 11.75 -5.41 -12.30
CA VAL A 209 11.22 -5.87 -13.59
C VAL A 209 10.50 -4.72 -14.30
N GLU A 210 10.83 -4.54 -15.58
CA GLU A 210 10.24 -3.52 -16.37
C GLU A 210 8.85 -3.94 -16.90
N SER A 211 7.91 -3.01 -16.91
CA SER A 211 6.64 -3.19 -17.60
C SER A 211 6.49 -2.00 -18.56
N CYS A 212 6.13 -2.29 -19.82
CA CYS A 212 6.35 -1.33 -20.90
C CYS A 212 5.14 -1.10 -21.81
N GLU A 213 5.12 0.07 -22.42
CA GLU A 213 4.31 0.34 -23.60
C GLU A 213 5.04 -0.22 -24.82
N LEU A 214 4.28 -0.83 -25.73
CA LEU A 214 4.75 -1.35 -27.00
C LEU A 214 4.04 -0.62 -28.14
N ASN A 215 4.79 -0.23 -29.15
CA ASN A 215 4.24 0.37 -30.35
C ASN A 215 4.69 -0.36 -31.58
N PHE A 216 3.74 -0.68 -32.45
CA PHE A 216 4.04 -1.36 -33.70
C PHE A 216 3.68 -0.43 -34.84
N THR A 217 4.68 -0.09 -35.65
CA THR A 217 4.50 0.79 -36.79
C THR A 217 5.02 0.02 -38.00
N ASP A 218 4.08 -0.48 -38.80
CA ASP A 218 4.34 -1.37 -39.92
C ASP A 218 5.41 -2.41 -39.63
N ALA A 219 5.30 -3.09 -38.49
CA ALA A 219 6.32 -4.07 -38.15
C ALA A 219 6.01 -5.37 -38.88
N ARG A 220 6.97 -5.80 -39.71
CA ARG A 220 6.80 -6.97 -40.56
C ARG A 220 7.36 -8.19 -39.89
N VAL A 221 6.59 -9.27 -39.87
CA VAL A 221 7.09 -10.56 -39.43
C VAL A 221 6.65 -11.63 -40.39
N PRO A 222 7.43 -12.70 -40.52
CA PRO A 222 6.99 -13.78 -41.39
C PRO A 222 5.65 -14.34 -40.95
N VAL A 223 4.87 -14.82 -41.90
CA VAL A 223 3.60 -15.44 -41.58
C VAL A 223 3.75 -16.70 -40.74
N SER A 224 4.96 -17.27 -40.76
CA SER A 224 5.30 -18.40 -39.88
C SER A 224 5.29 -18.02 -38.39
N SER A 225 5.23 -16.71 -38.11
CA SER A 225 5.12 -16.24 -36.72
CA SER A 225 5.11 -16.23 -36.72
C SER A 225 3.79 -16.66 -36.06
N LEU A 226 2.78 -16.99 -36.86
CA LEU A 226 1.50 -17.48 -36.29
C LEU A 226 1.72 -18.65 -35.35
N LEU A 227 1.17 -18.55 -34.13
CA LEU A 227 1.12 -19.69 -33.24
C LEU A 227 0.07 -20.69 -33.75
N GLY A 228 0.54 -21.85 -34.20
CA GLY A 228 -0.31 -22.90 -34.75
C GLY A 228 -0.53 -22.73 -36.23
N ASP A 229 -1.38 -23.56 -36.80
CA ASP A 229 -1.60 -23.61 -38.25
C ASP A 229 -2.72 -22.66 -38.67
N ASP A 230 -3.62 -22.32 -37.73
CA ASP A 230 -4.84 -21.59 -38.07
C ASP A 230 -4.95 -20.23 -37.40
N GLU A 231 -5.42 -19.25 -38.17
CA GLU A 231 -5.79 -17.93 -37.66
C GLU A 231 -7.12 -18.05 -36.92
N GLY A 232 -7.35 -17.15 -35.97
CA GLY A 232 -8.61 -17.10 -35.23
C GLY A 232 -8.80 -18.07 -34.06
N ARG A 233 -7.71 -18.54 -33.46
CA ARG A 233 -7.76 -19.44 -32.32
CA ARG A 233 -7.82 -19.42 -32.30
C ARG A 233 -7.17 -18.77 -31.06
N GLY A 234 -6.84 -17.48 -31.17
CA GLY A 234 -6.16 -16.74 -30.13
C GLY A 234 -6.85 -16.78 -28.78
N PHE A 235 -8.15 -16.53 -28.76
CA PHE A 235 -8.90 -16.58 -27.51
C PHE A 235 -8.88 -17.95 -26.86
N ALA A 236 -9.21 -18.98 -27.64
CA ALA A 236 -9.22 -20.35 -27.12
C ALA A 236 -7.84 -20.74 -26.61
N GLN A 237 -6.80 -20.41 -27.39
CA GLN A 237 -5.44 -20.62 -26.93
C GLN A 237 -5.11 -19.91 -25.61
N MET A 238 -5.40 -18.60 -25.53
CA MET A 238 -5.17 -17.81 -24.30
CA MET A 238 -5.13 -17.87 -24.31
C MET A 238 -5.85 -18.49 -23.12
N MET A 239 -7.10 -18.88 -23.32
CA MET A 239 -7.90 -19.45 -22.23
C MET A 239 -7.22 -20.69 -21.67
N LYS A 240 -6.64 -21.53 -22.53
CA LYS A 240 -5.88 -22.67 -22.09
C LYS A 240 -4.58 -22.25 -21.38
N GLY A 241 -3.90 -21.25 -21.94
CA GLY A 241 -2.72 -20.66 -21.30
C GLY A 241 -2.97 -20.19 -19.86
N LEU A 242 -4.18 -19.71 -19.60
CA LEU A 242 -4.55 -19.19 -18.29
C LEU A 242 -4.71 -20.25 -17.18
N GLU A 243 -4.84 -21.53 -17.54
CA GLU A 243 -4.75 -22.56 -16.50
C GLU A 243 -3.38 -22.43 -15.78
N VAL A 244 -2.30 -22.36 -16.56
CA VAL A 244 -0.95 -22.22 -16.00
C VAL A 244 -0.77 -20.80 -15.46
N GLY A 245 -1.26 -19.81 -16.20
CA GLY A 245 -1.13 -18.41 -15.76
C GLY A 245 -1.75 -18.13 -14.40
N ARG A 246 -2.98 -18.59 -14.23
CA ARG A 246 -3.68 -18.40 -12.98
C ARG A 246 -3.01 -19.18 -11.81
N LEU A 247 -2.57 -20.40 -12.05
CA LEU A 247 -1.82 -21.15 -11.04
C LEU A 247 -0.53 -20.44 -10.62
N GLN A 248 0.23 -19.90 -11.58
CA GLN A 248 1.50 -19.21 -11.21
C GLN A 248 1.27 -17.91 -10.44
N VAL A 249 0.24 -17.16 -10.81
CA VAL A 249 -0.11 -15.93 -10.09
C VAL A 249 -0.57 -16.27 -8.68
N ALA A 250 -1.34 -17.35 -8.54
CA ALA A 250 -1.78 -17.80 -7.23
C ALA A 250 -0.57 -18.17 -6.37
N ALA A 251 0.39 -18.89 -6.95
CA ALA A 251 1.62 -19.20 -6.23
C ALA A 251 2.42 -17.96 -5.85
N ARG A 252 2.40 -16.94 -6.71
CA ARG A 252 3.06 -15.70 -6.38
C ARG A 252 2.42 -15.07 -5.13
N ALA A 253 1.09 -15.15 -5.04
CA ALA A 253 0.38 -14.58 -3.95
C ALA A 253 0.63 -15.37 -2.67
N THR A 254 0.55 -16.69 -2.71
CA THR A 254 0.84 -17.43 -1.48
C THR A 254 2.29 -17.22 -1.07
N GLY A 255 3.16 -16.93 -2.03
CA GLY A 255 4.54 -16.63 -1.73
C GLY A 255 4.72 -15.34 -0.98
N VAL A 256 4.10 -14.27 -1.46
CA VAL A 256 4.15 -12.99 -0.78
C VAL A 256 3.46 -13.13 0.59
N ALA A 257 2.37 -13.89 0.64
CA ALA A 257 1.69 -14.09 1.91
C ALA A 257 2.56 -14.81 2.92
N ARG A 258 3.32 -15.81 2.50
CA ARG A 258 4.23 -16.53 3.38
C ARG A 258 5.25 -15.57 3.96
N ALA A 259 5.83 -14.74 3.11
CA ALA A 259 6.84 -13.77 3.57
C ALA A 259 6.27 -12.85 4.64
N ALA A 260 5.11 -12.27 4.38
CA ALA A 260 4.51 -11.32 5.29
C ALA A 260 4.12 -12.02 6.61
N PHE A 261 3.55 -13.21 6.51
CA PHE A 261 3.13 -13.95 7.71
C PHE A 261 4.34 -14.31 8.57
N GLU A 262 5.41 -14.77 7.93
CA GLU A 262 6.65 -15.16 8.62
C GLU A 262 7.27 -13.98 9.39
N ASP A 263 7.39 -12.83 8.74
CA ASP A 263 7.86 -11.61 9.40
C ASP A 263 6.98 -11.19 10.57
N ALA A 264 5.68 -11.21 10.36
CA ALA A 264 4.74 -10.87 11.42
C ALA A 264 4.84 -11.82 12.62
N LEU A 265 4.82 -13.12 12.36
CA LEU A 265 4.92 -14.11 13.44
C LEU A 265 6.25 -13.95 14.19
N ARG A 266 7.34 -13.75 13.45
CA ARG A 266 8.65 -13.57 14.09
C ARG A 266 8.64 -12.29 14.98
N TYR A 267 8.23 -11.16 14.40
CA TYR A 267 8.21 -9.87 15.12
C TYR A 267 7.35 -9.94 16.40
N SER A 268 6.24 -10.69 16.33
CA SER A 268 5.32 -10.81 17.48
C SER A 268 5.93 -11.55 18.65
N GLN A 269 7.01 -12.29 18.40
CA GLN A 269 7.75 -12.93 19.49
C GLN A 269 8.88 -12.08 20.00
N GLU A 270 9.36 -11.16 19.19
CA GLU A 270 10.56 -10.39 19.53
C GLU A 270 10.21 -9.02 20.12
N ARG A 271 9.01 -8.53 19.87
CA ARG A 271 8.61 -7.25 20.37
C ARG A 271 7.69 -7.49 21.56
N GLU A 272 7.90 -6.76 22.65
CA GLU A 272 7.08 -6.92 23.85
C GLU A 272 6.43 -5.60 24.17
N SER A 273 5.25 -5.68 24.80
CA SER A 273 4.59 -4.52 25.36
C SER A 273 3.81 -4.98 26.60
N PHE A 274 3.71 -4.10 27.56
CA PHE A 274 3.03 -4.39 28.84
C PHE A 274 3.50 -5.71 29.44
N GLY A 275 4.81 -5.93 29.36
CA GLY A 275 5.43 -7.06 30.05
C GLY A 275 5.42 -8.38 29.31
N LYS A 276 4.92 -8.43 28.09
CA LYS A 276 4.98 -9.71 27.38
C LYS A 276 5.11 -9.61 25.89
N PRO A 277 5.54 -10.72 25.24
CA PRO A 277 5.59 -10.74 23.77
C PRO A 277 4.22 -10.40 23.19
N ILE A 278 4.19 -9.60 22.13
CA ILE A 278 2.92 -9.00 21.70
C ILE A 278 1.93 -10.03 21.15
N TRP A 279 2.41 -11.21 20.73
CA TRP A 279 1.48 -12.26 20.31
C TRP A 279 0.53 -12.69 21.42
N GLN A 280 0.92 -12.44 22.66
CA GLN A 280 0.13 -12.83 23.84
C GLN A 280 -0.97 -11.82 24.16
N HIS A 281 -0.94 -10.65 23.50
CA HIS A 281 -2.15 -9.82 23.43
C HIS A 281 -3.09 -10.42 22.40
N GLN A 282 -4.31 -10.74 22.81
CA GLN A 282 -5.25 -11.43 21.93
C GLN A 282 -5.49 -10.69 20.65
N SER A 283 -5.53 -9.38 20.71
CA SER A 283 -5.69 -8.61 19.46
C SER A 283 -4.64 -8.95 18.40
N VAL A 284 -3.39 -9.16 18.80
CA VAL A 284 -2.31 -9.54 17.88
C VAL A 284 -2.34 -11.06 17.58
N GLY A 285 -2.47 -11.88 18.62
CA GLY A 285 -2.63 -13.31 18.42
C GLY A 285 -3.77 -13.69 17.47
N ASN A 286 -4.88 -12.99 17.58
CA ASN A 286 -6.05 -13.19 16.72
C ASN A 286 -5.69 -12.93 15.25
N MET A 287 -4.96 -11.83 14.98
CA MET A 287 -4.46 -11.57 13.64
C MET A 287 -3.55 -12.68 13.15
N LEU A 288 -2.63 -13.13 13.99
CA LEU A 288 -1.74 -14.20 13.60
C LEU A 288 -2.54 -15.45 13.28
N ALA A 289 -3.49 -15.80 14.14
CA ALA A 289 -4.32 -16.99 13.91
C ALA A 289 -5.08 -16.87 12.59
N ASP A 290 -5.68 -15.72 12.34
CA ASP A 290 -6.43 -15.54 11.09
CA ASP A 290 -6.44 -15.43 11.11
C ASP A 290 -5.53 -15.60 9.87
N MET A 291 -4.39 -14.94 9.94
CA MET A 291 -3.42 -14.95 8.84
C MET A 291 -2.95 -16.36 8.49
N GLY A 292 -2.57 -17.13 9.51
CA GLY A 292 -2.06 -18.45 9.31
C GLY A 292 -3.13 -19.37 8.75
N THR A 293 -4.33 -19.25 9.30
CA THR A 293 -5.47 -20.08 8.88
C THR A 293 -5.82 -19.78 7.43
N LYS A 294 -5.97 -18.51 7.06
CA LYS A 294 -6.26 -18.18 5.66
C LYS A 294 -5.13 -18.60 4.72
N LEU A 295 -3.87 -18.40 5.12
CA LEU A 295 -2.76 -18.87 4.30
C LEU A 295 -2.79 -20.41 4.10
N TYR A 296 -3.08 -21.14 5.15
CA TYR A 296 -3.22 -22.61 5.03
C TYR A 296 -4.35 -22.94 4.06
N ALA A 297 -5.47 -22.22 4.15
CA ALA A 297 -6.57 -22.47 3.21
C ALA A 297 -6.11 -22.22 1.77
N ALA A 298 -5.40 -21.10 1.59
CA ALA A 298 -4.96 -20.68 0.26
C ALA A 298 -4.00 -21.64 -0.40
N ARG A 299 -3.04 -22.13 0.37
CA ARG A 299 -2.07 -23.09 -0.14
C ARG A 299 -2.74 -24.43 -0.41
N SER A 300 -3.68 -24.81 0.45
CA SER A 300 -4.40 -26.07 0.31
C SER A 300 -5.20 -26.08 -0.96
N LEU A 301 -5.90 -24.99 -1.22
CA LEU A 301 -6.61 -24.85 -2.48
C LEU A 301 -5.63 -24.90 -3.69
N LEU A 302 -4.57 -24.09 -3.62
CA LEU A 302 -3.56 -24.04 -4.69
C LEU A 302 -3.04 -25.42 -5.00
N LEU A 303 -2.64 -26.15 -3.95
CA LEU A 303 -2.07 -27.48 -4.13
C LEU A 303 -3.12 -28.42 -4.72
N SER A 304 -4.37 -28.30 -4.30
CA SER A 304 -5.44 -29.12 -4.85
C SER A 304 -5.63 -28.85 -6.37
N ALA A 305 -5.61 -27.58 -6.76
CA ALA A 305 -5.80 -27.21 -8.18
C ALA A 305 -4.64 -27.72 -9.03
N ALA A 306 -3.44 -27.62 -8.47
CA ALA A 306 -2.24 -28.07 -9.15
C ALA A 306 -2.29 -29.59 -9.38
N GLU A 307 -2.77 -30.34 -8.40
CA GLU A 307 -2.91 -31.78 -8.57
C GLU A 307 -3.91 -32.14 -9.63
N LYS A 308 -5.02 -31.39 -9.69
CA LYS A 308 -6.01 -31.62 -10.74
C LYS A 308 -5.40 -31.40 -12.11
N PHE A 309 -4.68 -30.29 -12.25
CA PHE A 309 -3.97 -29.98 -13.48
C PHE A 309 -3.11 -31.14 -13.86
N ASP A 310 -2.31 -31.62 -12.91
CA ASP A 310 -1.35 -32.70 -13.17
C ASP A 310 -2.05 -33.98 -13.55
N ALA A 311 -3.16 -34.29 -12.90
CA ALA A 311 -3.91 -35.49 -13.22
C ALA A 311 -4.69 -35.39 -14.55
N GLY A 312 -4.58 -34.26 -15.24
CA GLY A 312 -5.26 -34.04 -16.52
C GLY A 312 -6.76 -33.86 -16.40
N GLN A 313 -7.26 -33.60 -15.20
CA GLN A 313 -8.68 -33.29 -15.03
C GLN A 313 -8.97 -31.82 -15.28
N ARG A 314 -10.23 -31.52 -15.56
CA ARG A 314 -10.63 -30.14 -15.75
C ARG A 314 -10.31 -29.35 -14.47
N CYS A 315 -9.68 -28.22 -14.67
CA CYS A 315 -9.08 -27.49 -13.57
C CYS A 315 -9.11 -26.00 -13.85
N ASP A 316 -9.81 -25.57 -14.91
CA ASP A 316 -9.83 -24.16 -15.25
C ASP A 316 -10.48 -23.28 -14.18
N MET A 317 -11.65 -23.70 -13.69
CA MET A 317 -12.32 -23.01 -12.59
C MET A 317 -11.48 -23.01 -11.31
N GLU A 318 -10.90 -24.15 -11.00
CA GLU A 318 -10.08 -24.34 -9.83
C GLU A 318 -8.87 -23.42 -9.84
N ALA A 319 -8.21 -23.28 -10.98
CA ALA A 319 -7.06 -22.41 -11.13
C ALA A 319 -7.44 -20.95 -10.92
N GLY A 320 -8.62 -20.59 -11.43
CA GLY A 320 -9.16 -19.24 -11.23
C GLY A 320 -9.52 -18.95 -9.79
N MET A 321 -10.14 -19.92 -9.13
CA MET A 321 -10.47 -19.82 -7.71
C MET A 321 -9.17 -19.69 -6.88
N ALA A 322 -8.14 -20.42 -7.27
CA ALA A 322 -6.83 -20.33 -6.63
C ALA A 322 -6.27 -18.92 -6.72
N LYS A 323 -6.34 -18.35 -7.91
CA LYS A 323 -5.85 -17.01 -8.16
C LYS A 323 -6.64 -15.94 -7.38
N LEU A 324 -7.96 -16.02 -7.42
CA LEU A 324 -8.82 -15.12 -6.70
C LEU A 324 -8.59 -15.19 -5.19
N PHE A 325 -8.64 -16.38 -4.63
CA PHE A 325 -8.50 -16.56 -3.21
C PHE A 325 -7.12 -16.20 -2.69
N ALA A 326 -6.07 -16.67 -3.36
CA ALA A 326 -4.70 -16.38 -2.91
C ALA A 326 -4.38 -14.91 -2.98
N SER A 327 -4.81 -14.27 -4.06
CA SER A 327 -4.48 -12.88 -4.27
C SER A 327 -5.16 -11.98 -3.23
N GLU A 328 -6.46 -12.21 -3.00
CA GLU A 328 -7.16 -11.49 -1.93
C GLU A 328 -6.56 -11.79 -0.56
N THR A 329 -6.23 -13.06 -0.34
CA THR A 329 -5.62 -13.46 0.92
C THR A 329 -4.29 -12.79 1.21
N ALA A 330 -3.45 -12.69 0.18
CA ALA A 330 -2.12 -12.08 0.34
C ALA A 330 -2.22 -10.59 0.69
N MET A 331 -3.20 -9.89 0.08
CA MET A 331 -3.46 -8.50 0.38
C MET A 331 -3.88 -8.34 1.84
N GLN A 332 -4.80 -9.19 2.30
CA GLN A 332 -5.26 -9.13 3.68
C GLN A 332 -4.09 -9.38 4.66
N ILE A 333 -3.33 -10.44 4.40
CA ILE A 333 -2.17 -10.81 5.22
C ILE A 333 -1.12 -9.71 5.22
N ALA A 334 -0.81 -9.12 4.06
CA ALA A 334 0.15 -8.03 3.97
C ALA A 334 -0.25 -6.84 4.84
N LEU A 335 -1.52 -6.42 4.80
CA LEU A 335 -1.93 -5.29 5.63
C LEU A 335 -1.81 -5.68 7.10
N ASP A 336 -2.26 -6.88 7.44
CA ASP A 336 -2.21 -7.28 8.86
C ASP A 336 -0.76 -7.42 9.36
N ALA A 337 0.16 -7.80 8.48
CA ALA A 337 1.57 -7.87 8.86
C ALA A 337 2.09 -6.50 9.20
N VAL A 338 1.67 -5.49 8.44
CA VAL A 338 1.96 -4.09 8.74
C VAL A 338 1.38 -3.73 10.13
N ARG A 339 0.11 -4.04 10.39
CA ARG A 339 -0.47 -3.76 11.71
C ARG A 339 0.36 -4.35 12.86
N VAL A 340 0.77 -5.58 12.70
CA VAL A 340 1.51 -6.30 13.75
C VAL A 340 2.82 -5.55 14.11
N HIS A 341 3.44 -4.87 13.15
CA HIS A 341 4.70 -4.16 13.36
C HIS A 341 4.47 -2.77 13.98
N GLY A 342 3.20 -2.36 14.14
CA GLY A 342 2.93 -1.03 14.64
C GLY A 342 3.55 0.00 13.73
N GLY A 343 4.14 1.04 14.31
CA GLY A 343 4.75 2.08 13.52
C GLY A 343 5.83 1.59 12.56
N TYR A 344 6.54 0.54 12.95
CA TYR A 344 7.64 0.01 12.13
C TYR A 344 7.15 -0.67 10.84
N GLY A 345 5.88 -1.05 10.83
CA GLY A 345 5.24 -1.51 9.63
C GLY A 345 5.31 -0.49 8.50
N TYR A 346 5.37 0.78 8.88
CA TYR A 346 5.37 1.91 7.94
C TYR A 346 6.80 2.30 7.52
N SER A 347 7.81 1.69 8.14
CA SER A 347 9.22 1.96 7.83
C SER A 347 9.75 1.11 6.68
N THR A 348 10.45 1.76 5.75
CA THR A 348 11.07 1.06 4.65
C THR A 348 12.34 0.32 5.06
N GLU A 349 12.68 0.34 6.34
CA GLU A 349 13.77 -0.50 6.82
C GLU A 349 13.23 -1.87 7.28
N TYR A 350 11.92 -2.05 7.25
CA TYR A 350 11.33 -3.37 7.44
C TYR A 350 10.73 -3.82 6.09
N ASP A 351 10.46 -5.13 5.93
CA ASP A 351 10.05 -5.67 4.62
C ASP A 351 8.53 -5.66 4.40
N VAL A 352 7.74 -5.52 5.45
CA VAL A 352 6.29 -5.66 5.33
C VAL A 352 5.65 -4.60 4.42
N GLU A 353 6.23 -3.40 4.38
CA GLU A 353 5.73 -2.36 3.50
C GLU A 353 5.88 -2.77 2.04
N ARG A 354 6.96 -3.44 1.73
CA ARG A 354 7.17 -3.96 0.38
C ARG A 354 6.12 -5.03 0.01
N TYR A 355 5.83 -5.95 0.91
CA TYR A 355 4.82 -6.96 0.59
C TYR A 355 3.46 -6.32 0.35
N PHE A 356 3.18 -5.27 1.12
CA PHE A 356 1.96 -4.43 1.03
C PHE A 356 1.85 -3.73 -0.33
N ARG A 357 2.99 -3.26 -0.84
CA ARG A 357 3.05 -2.65 -2.16
C ARG A 357 2.94 -3.66 -3.32
N ASP A 358 3.44 -4.87 -3.09
CA ASP A 358 3.49 -5.92 -4.09
C ASP A 358 2.14 -6.63 -4.25
N ALA A 359 1.42 -6.81 -3.15
CA ALA A 359 0.18 -7.64 -3.17
C ALA A 359 -0.88 -7.20 -4.17
N PRO A 360 -1.09 -5.89 -4.32
CA PRO A 360 -2.15 -5.47 -5.24
C PRO A 360 -1.90 -5.88 -6.69
N LEU A 361 -0.64 -6.11 -7.06
CA LEU A 361 -0.32 -6.48 -8.44
C LEU A 361 -1.14 -7.69 -8.89
N MET A 362 -1.25 -8.68 -8.02
CA MET A 362 -1.91 -9.95 -8.33
CA MET A 362 -1.91 -9.91 -8.40
C MET A 362 -3.43 -9.78 -8.37
N ILE A 363 -3.94 -8.71 -7.79
CA ILE A 363 -5.39 -8.39 -7.78
C ILE A 363 -5.82 -7.61 -9.05
N VAL A 364 -5.04 -6.61 -9.43
CA VAL A 364 -5.43 -5.68 -10.51
C VAL A 364 -4.65 -5.83 -11.77
N GLY A 365 -3.48 -6.47 -11.68
CA GLY A 365 -2.49 -6.45 -12.76
C GLY A 365 -2.15 -7.81 -13.37
N GLU A 366 -2.95 -8.82 -13.07
CA GLU A 366 -2.73 -10.15 -13.66
C GLU A 366 -4.11 -10.68 -14.02
N GLY A 367 -4.79 -9.90 -14.86
CA GLY A 367 -6.25 -9.94 -14.97
C GLY A 367 -6.83 -9.38 -13.66
N THR A 368 -8.03 -8.82 -13.71
CA THR A 368 -8.61 -8.27 -12.47
C THR A 368 -9.46 -9.33 -11.78
N ASN A 369 -9.60 -9.19 -10.48
CA ASN A 369 -10.44 -10.11 -9.75
C ASN A 369 -11.93 -9.94 -10.06
N GLU A 370 -12.34 -8.76 -10.52
CA GLU A 370 -13.75 -8.61 -10.91
C GLU A 370 -14.02 -9.51 -12.14
N ILE A 371 -13.09 -9.51 -13.09
CA ILE A 371 -13.23 -10.34 -14.27
C ILE A 371 -13.14 -11.80 -13.81
N GLN A 372 -12.23 -12.09 -12.91
CA GLN A 372 -12.03 -13.45 -12.44
C GLN A 372 -13.33 -14.04 -11.79
N ARG A 373 -14.05 -13.21 -11.04
CA ARG A 373 -15.34 -13.60 -10.48
C ARG A 373 -16.40 -13.87 -11.56
N ASN A 374 -16.46 -13.02 -12.57
CA ASN A 374 -17.37 -13.24 -13.67
C ASN A 374 -17.10 -14.60 -14.34
N VAL A 375 -15.82 -14.93 -14.55
CA VAL A 375 -15.43 -16.17 -15.22
C VAL A 375 -15.81 -17.39 -14.34
N ILE A 376 -15.57 -17.30 -13.05
CA ILE A 376 -15.90 -18.36 -12.11
C ILE A 376 -17.42 -18.57 -12.05
N ALA A 377 -18.21 -17.50 -12.11
CA ALA A 377 -19.66 -17.67 -12.08
C ALA A 377 -20.15 -18.45 -13.32
N LYS A 378 -19.66 -18.07 -14.50
CA LYS A 378 -19.96 -18.80 -15.73
C LYS A 378 -19.54 -20.27 -15.60
N GLN A 379 -18.35 -20.49 -15.03
CA GLN A 379 -17.86 -21.88 -14.88
C GLN A 379 -18.70 -22.72 -13.94
N LEU A 380 -19.10 -22.12 -12.81
CA LEU A 380 -19.99 -22.82 -11.88
C LEU A 380 -21.29 -23.25 -12.54
N VAL A 381 -21.88 -22.37 -13.34
CA VAL A 381 -23.11 -22.69 -14.07
C VAL A 381 -22.88 -23.79 -15.12
N ALA A 382 -21.78 -23.70 -15.85
CA ALA A 382 -21.43 -24.74 -16.80
C ALA A 382 -21.22 -26.14 -16.14
N ARG A 383 -20.55 -26.16 -15.01
CA ARG A 383 -20.22 -27.39 -14.29
C ARG A 383 -21.39 -27.90 -13.47
N GLY A 384 -22.25 -27.01 -13.02
CA GLY A 384 -23.32 -27.35 -12.07
C GLY A 384 -22.86 -27.36 -10.61
N GLY A 385 -21.73 -26.76 -10.32
CA GLY A 385 -21.24 -26.70 -8.95
C GLY A 385 -19.78 -27.07 -8.82
N LEU A 386 -19.39 -27.46 -7.62
CA LEU A 386 -18.03 -27.88 -7.38
C LEU A 386 -17.90 -29.33 -7.73
N ASP A 387 -16.67 -29.76 -8.02
CA ASP A 387 -16.43 -31.17 -8.35
C ASP A 387 -16.21 -31.89 -7.03
N ILE A 388 -17.26 -32.52 -6.51
CA ILE A 388 -17.20 -33.19 -5.21
C ILE A 388 -17.57 -34.65 -5.39
N ALA B 6 -24.48 25.51 12.90
CA ALA B 6 -24.03 26.16 11.61
C ALA B 6 -22.65 26.79 11.76
N LEU B 7 -21.83 26.66 10.71
CA LEU B 7 -20.57 27.38 10.62
C LEU B 7 -20.87 28.86 10.43
N THR B 8 -20.11 29.69 11.13
CA THR B 8 -20.16 31.11 10.90
C THR B 8 -19.67 31.36 9.50
N ALA B 9 -19.87 32.60 9.07
CA ALA B 9 -19.46 33.09 7.77
C ALA B 9 -18.00 32.87 7.56
N GLU B 10 -17.20 33.33 8.52
CA GLU B 10 -15.75 33.24 8.48
C GLU B 10 -15.30 31.78 8.45
N GLU B 11 -16.07 30.92 9.10
CA GLU B 11 -15.68 29.53 9.18
C GLU B 11 -15.89 28.84 7.84
N GLU B 12 -17.00 29.15 7.18
CA GLU B 12 -17.26 28.60 5.84
C GLU B 12 -16.18 29.05 4.88
N THR B 13 -15.84 30.32 5.00
CA THR B 13 -14.83 30.91 4.15
C THR B 13 -13.48 30.23 4.30
N ILE B 14 -13.07 29.95 5.53
CA ILE B 14 -11.75 29.30 5.75
C ILE B 14 -11.75 27.92 5.06
N VAL B 15 -12.82 27.15 5.21
CA VAL B 15 -12.91 25.84 4.57
C VAL B 15 -12.76 26.02 3.04
N LYS B 16 -13.47 27.00 2.46
CA LYS B 16 -13.38 27.24 1.02
C LYS B 16 -12.00 27.67 0.57
N THR B 17 -11.38 28.53 1.38
CA THR B 17 -10.03 28.99 1.11
C THR B 17 -9.06 27.83 1.07
N VAL B 18 -9.19 26.89 2.01
CA VAL B 18 -8.30 25.75 2.10
C VAL B 18 -8.55 24.79 0.90
N HIS B 19 -9.82 24.57 0.53
CA HIS B 19 -10.18 23.81 -0.66
C HIS B 19 -9.55 24.38 -1.93
N ASP B 20 -9.66 25.70 -2.09
CA ASP B 20 -9.07 26.40 -3.24
CA ASP B 20 -9.10 26.39 -3.25
C ASP B 20 -7.57 26.28 -3.28
N PHE B 21 -6.94 26.42 -2.12
CA PHE B 21 -5.49 26.25 -1.96
C PHE B 21 -5.09 24.84 -2.39
N VAL B 22 -5.92 23.86 -2.01
CA VAL B 22 -5.65 22.48 -2.38
C VAL B 22 -5.78 22.28 -3.90
N GLU B 23 -6.86 22.76 -4.47
CA GLU B 23 -7.09 22.63 -5.90
C GLU B 23 -6.05 23.39 -6.75
N LYS B 24 -5.72 24.62 -6.39
CA LYS B 24 -4.86 25.46 -7.25
C LYS B 24 -3.38 25.37 -6.95
N GLN B 25 -3.03 25.18 -5.68
CA GLN B 25 -1.61 25.19 -5.28
C GLN B 25 -1.06 23.82 -4.95
N VAL B 26 -1.81 22.99 -4.24
CA VAL B 26 -1.28 21.70 -3.82
C VAL B 26 -1.25 20.67 -4.94
N LYS B 27 -2.40 20.43 -5.54
CA LYS B 27 -2.52 19.35 -6.52
C LYS B 27 -1.58 19.40 -7.73
N PRO B 28 -1.27 20.58 -8.23
CA PRO B 28 -0.34 20.63 -9.34
C PRO B 28 1.12 20.31 -9.02
N VAL B 29 1.51 20.27 -7.73
CA VAL B 29 2.91 20.03 -7.40
C VAL B 29 3.12 18.81 -6.52
N VAL B 30 2.04 18.23 -6.02
CA VAL B 30 2.14 17.18 -5.03
C VAL B 30 2.89 15.95 -5.54
N ARG B 31 2.64 15.52 -6.78
CA ARG B 31 3.30 14.32 -7.26
C ARG B 31 4.81 14.47 -7.24
N GLU B 32 5.32 15.55 -7.82
CA GLU B 32 6.75 15.74 -7.91
C GLU B 32 7.35 15.86 -6.52
N LEU B 33 6.74 16.64 -5.65
CA LEU B 33 7.30 16.83 -4.31
C LEU B 33 7.27 15.51 -3.53
N GLU B 34 6.11 14.84 -3.52
CA GLU B 34 5.84 13.62 -2.68
C GLU B 34 6.75 12.51 -3.15
N HIS B 35 6.84 12.35 -4.47
CA HIS B 35 7.71 11.34 -5.04
C HIS B 35 9.17 11.61 -4.64
N ALA B 36 9.57 12.87 -4.60
CA ALA B 36 10.98 13.22 -4.27
C ALA B 36 11.26 13.40 -2.78
N ASN B 37 10.25 13.18 -1.95
CA ASN B 37 10.34 13.44 -0.51
C ASN B 37 10.81 14.86 -0.20
N THR B 38 10.35 15.84 -0.98
CA THR B 38 10.77 17.23 -0.84
C THR B 38 9.93 17.92 0.21
N TYR B 39 10.58 18.64 1.13
CA TYR B 39 9.82 19.33 2.17
C TYR B 39 9.06 20.45 1.49
N PRO B 40 7.71 20.51 1.66
CA PRO B 40 6.93 21.48 0.90
C PRO B 40 6.93 22.87 1.56
N GLU B 41 8.07 23.55 1.48
CA GLU B 41 8.25 24.78 2.20
C GLU B 41 7.29 25.88 1.74
N GLU B 42 7.08 26.02 0.44
CA GLU B 42 6.19 27.03 -0.11
C GLU B 42 4.74 26.79 0.31
N LEU B 43 4.28 25.55 0.17
CA LEU B 43 2.91 25.19 0.56
C LEU B 43 2.69 25.46 2.07
N ILE B 44 3.66 25.07 2.90
CA ILE B 44 3.51 25.25 4.33
CA ILE B 44 3.57 25.25 4.35
C ILE B 44 3.49 26.74 4.70
N GLU B 45 4.28 27.53 4.01
CA GLU B 45 4.31 28.98 4.23
C GLU B 45 2.94 29.61 3.90
N THR B 46 2.33 29.17 2.81
CA THR B 46 0.99 29.62 2.46
C THR B 46 0.01 29.19 3.55
N MET B 47 0.20 28.00 4.11
CA MET B 47 -0.65 27.55 5.22
C MET B 47 -0.52 28.43 6.43
N LYS B 48 0.71 28.85 6.72
CA LYS B 48 0.90 29.81 7.79
C LYS B 48 0.10 31.12 7.56
N GLU B 49 0.19 31.68 6.36
CA GLU B 49 -0.52 32.94 6.04
C GLU B 49 -2.05 32.79 6.15
N ILE B 50 -2.54 31.64 5.69
CA ILE B 50 -3.97 31.29 5.77
CA ILE B 50 -3.97 31.30 5.76
C ILE B 50 -4.46 31.27 7.22
N GLY B 51 -3.55 31.00 8.17
CA GLY B 51 -3.93 30.88 9.60
C GLY B 51 -4.03 29.43 10.12
N ILE B 52 -3.54 28.45 9.34
CA ILE B 52 -3.72 27.03 9.70
C ILE B 52 -3.12 26.67 11.07
N PHE B 53 -2.00 27.31 11.42
CA PHE B 53 -1.33 27.00 12.66
C PHE B 53 -1.92 27.72 13.88
N GLY B 54 -2.96 28.54 13.67
CA GLY B 54 -3.62 29.29 14.74
C GLY B 54 -5.09 28.92 14.90
N LEU B 55 -5.51 27.83 14.27
CA LEU B 55 -6.93 27.45 14.27
C LEU B 55 -7.49 27.12 15.65
N ALA B 56 -6.64 26.76 16.60
CA ALA B 56 -7.13 26.50 17.95
C ALA B 56 -6.71 27.57 18.98
N ILE B 57 -6.22 28.72 18.51
CA ILE B 57 -5.62 29.71 19.41
C ILE B 57 -6.46 31.00 19.45
N PRO B 58 -7.16 31.25 20.57
CA PRO B 58 -8.05 32.41 20.66
C PRO B 58 -7.33 33.68 21.04
N GLU B 59 -8.06 34.79 21.00
CA GLU B 59 -7.57 36.05 21.53
C GLU B 59 -7.41 35.89 23.03
N PRO B 60 -6.45 36.58 23.63
CA PRO B 60 -5.58 37.60 23.05
C PRO B 60 -4.38 37.07 22.29
N TYR B 61 -4.14 35.76 22.30
CA TYR B 61 -2.91 35.21 21.73
C TYR B 61 -2.95 35.14 20.21
N GLY B 62 -4.07 34.74 19.65
CA GLY B 62 -4.21 34.65 18.21
C GLY B 62 -5.55 35.15 17.73
N PHE B 63 -5.75 35.13 16.43
CA PHE B 63 -6.89 35.78 15.81
C PHE B 63 -8.21 35.04 15.91
N GLY B 64 -8.32 34.06 16.84
CA GLY B 64 -9.56 33.28 17.08
C GLY B 64 -9.47 31.75 16.83
N ALA B 65 -10.00 30.99 17.79
CA ALA B 65 -10.14 29.56 17.72
C ALA B 65 -11.42 29.16 16.93
N VAL B 66 -11.29 28.56 15.74
CA VAL B 66 -12.49 28.13 15.01
C VAL B 66 -13.19 26.99 15.80
N SER B 67 -14.46 26.75 15.52
CA SER B 67 -15.14 25.63 16.14
C SER B 67 -14.47 24.30 15.71
N MET B 68 -14.69 23.26 16.49
CA MET B 68 -14.17 21.95 16.14
C MET B 68 -14.78 21.41 14.85
N PRO B 69 -16.08 21.59 14.61
CA PRO B 69 -16.56 21.17 13.29
C PRO B 69 -15.85 21.88 12.13
N CYS B 70 -15.47 23.13 12.32
CA CYS B 70 -14.74 23.84 11.27
C CYS B 70 -13.34 23.28 11.17
N TYR B 71 -12.72 23.05 12.31
CA TYR B 71 -11.35 22.55 12.35
C TYR B 71 -11.23 21.19 11.58
N VAL B 72 -12.16 20.27 11.84
CA VAL B 72 -12.08 18.96 11.19
C VAL B 72 -12.27 19.08 9.68
N GLN B 73 -13.13 20.01 9.26
CA GLN B 73 -13.32 20.23 7.85
C GLN B 73 -12.06 20.82 7.21
N VAL B 74 -11.34 21.68 7.92
CA VAL B 74 -10.08 22.25 7.38
C VAL B 74 -9.05 21.15 7.28
N ALA B 75 -8.94 20.34 8.31
CA ALA B 75 -7.97 19.24 8.31
C ALA B 75 -8.30 18.23 7.19
N GLU B 76 -9.58 17.98 6.98
CA GLU B 76 -10.02 17.05 5.96
C GLU B 76 -9.66 17.59 4.55
N GLU B 77 -9.88 18.88 4.31
CA GLU B 77 -9.58 19.49 3.03
C GLU B 77 -8.11 19.38 2.72
N LEU B 78 -7.28 19.70 3.71
CA LEU B 78 -5.84 19.60 3.57
C LEU B 78 -5.43 18.19 3.20
N ALA B 79 -5.97 17.22 3.95
CA ALA B 79 -5.60 15.80 3.74
C ALA B 79 -6.08 15.24 2.43
N ARG B 80 -7.24 15.71 1.97
CA ARG B 80 -7.71 15.40 0.66
C ARG B 80 -6.66 15.73 -0.43
N GLY B 81 -6.03 16.90 -0.32
CA GLY B 81 -4.95 17.24 -1.25
C GLY B 81 -3.67 16.45 -1.02
N TRP B 82 -3.25 16.35 0.23
CA TRP B 82 -2.03 15.65 0.59
C TRP B 82 -2.02 15.44 2.09
N MET B 83 -2.10 14.16 2.51
CA MET B 83 -2.21 13.80 3.91
CA MET B 83 -2.23 13.84 3.91
C MET B 83 -1.13 14.51 4.73
N SER B 84 0.08 14.55 4.16
CA SER B 84 1.23 15.15 4.84
C SER B 84 1.00 16.61 5.30
N LEU B 85 0.22 17.38 4.55
CA LEU B 85 -0.02 18.77 4.93
C LEU B 85 -0.93 18.87 6.18
N ALA B 86 -1.86 17.95 6.33
CA ALA B 86 -2.63 17.87 7.58
C ALA B 86 -1.72 17.43 8.71
N GLY B 87 -0.84 16.49 8.42
CA GLY B 87 0.11 15.97 9.44
C GLY B 87 1.02 17.07 9.94
N ALA B 88 1.37 18.00 9.05
CA ALA B 88 2.23 19.12 9.39
C ALA B 88 1.70 19.97 10.53
N MET B 89 0.38 20.02 10.68
CA MET B 89 -0.24 20.90 11.71
C MET B 89 -0.97 20.17 12.86
N GLY B 90 -1.05 18.85 12.81
CA GLY B 90 -1.79 18.07 13.82
C GLY B 90 -1.25 18.14 15.24
N GLY B 91 -0.03 17.65 15.43
CA GLY B 91 0.64 17.82 16.72
C GLY B 91 0.74 19.25 17.22
N HIS B 92 0.93 20.21 16.31
CA HIS B 92 0.97 21.61 16.66
C HIS B 92 -0.35 22.05 17.28
N THR B 93 -1.45 21.61 16.69
CA THR B 93 -2.77 21.89 17.25
C THR B 93 -2.95 21.27 18.66
N VAL B 94 -2.52 20.03 18.81
CA VAL B 94 -2.65 19.36 20.09
C VAL B 94 -1.84 20.14 21.15
N VAL B 95 -0.62 20.57 20.81
CA VAL B 95 0.18 21.33 21.77
C VAL B 95 -0.49 22.66 22.09
N SER B 96 -1.04 23.32 21.07
CA SER B 96 -1.80 24.55 21.28
C SER B 96 -2.87 24.32 22.33
N LYS B 97 -3.62 23.24 22.20
CA LYS B 97 -4.68 22.94 23.16
C LYS B 97 -4.16 22.64 24.56
N LEU B 98 -3.09 21.85 24.67
CA LEU B 98 -2.51 21.57 25.97
C LEU B 98 -2.06 22.85 26.71
N LEU B 99 -1.45 23.77 25.98
CA LEU B 99 -1.07 25.06 26.53
C LEU B 99 -2.29 25.83 27.04
N LEU B 100 -3.34 25.90 26.23
CA LEU B 100 -4.55 26.58 26.67
C LEU B 100 -5.16 25.90 27.89
N LEU B 101 -5.21 24.57 27.91
CA LEU B 101 -5.87 23.85 29.01
C LEU B 101 -5.11 23.89 30.32
N PHE B 102 -3.78 23.79 30.22
CA PHE B 102 -2.92 23.48 31.36
C PHE B 102 -1.74 24.46 31.59
N GLY B 103 -1.40 25.30 30.61
CA GLY B 103 -0.24 26.14 30.75
C GLY B 103 -0.46 27.28 31.74
N THR B 104 0.63 27.76 32.32
CA THR B 104 0.60 29.01 33.05
C THR B 104 0.37 30.18 32.08
N GLU B 105 0.05 31.33 32.65
CA GLU B 105 -0.14 32.55 31.86
C GLU B 105 1.14 32.91 31.12
N GLU B 106 2.27 32.71 31.79
CA GLU B 106 3.60 32.98 31.25
C GLU B 106 3.88 32.11 30.03
N GLN B 107 3.57 30.82 30.13
CA GLN B 107 3.80 29.87 29.03
C GLN B 107 2.95 30.17 27.83
N LYS B 108 1.66 30.40 28.10
CA LYS B 108 0.70 30.76 27.07
C LYS B 108 1.17 32.01 26.33
N GLN B 109 1.57 33.03 27.07
CA GLN B 109 2.07 34.26 26.49
C GLN B 109 3.39 34.09 25.75
N LYS B 110 4.27 33.24 26.28
CA LYS B 110 5.56 33.02 25.65
C LYS B 110 5.46 32.35 24.27
N TYR B 111 4.54 31.41 24.14
CA TYR B 111 4.50 30.50 22.98
C TYR B 111 3.32 30.68 22.00
N LEU B 112 2.10 30.89 22.51
CA LEU B 112 0.90 30.89 21.66
C LEU B 112 0.83 31.97 20.58
N PRO B 113 1.32 33.20 20.85
CA PRO B 113 1.28 34.17 19.75
C PRO B 113 2.13 33.80 18.53
N ARG B 114 3.35 33.29 18.73
CA ARG B 114 4.16 32.87 17.61
C ARG B 114 3.72 31.52 17.04
N MET B 115 3.08 30.70 17.86
CA MET B 115 2.47 29.47 17.33
C MET B 115 1.31 29.75 16.38
N ALA B 116 0.49 30.74 16.71
CA ALA B 116 -0.70 31.03 15.89
C ALA B 116 -0.36 31.44 14.48
N THR B 117 0.81 32.07 14.29
CA THR B 117 1.26 32.50 12.97
C THR B 117 2.08 31.46 12.24
N GLY B 118 2.43 30.39 12.94
CA GLY B 118 3.36 29.42 12.41
C GLY B 118 4.81 29.82 12.55
N GLU B 119 5.11 31.00 13.09
CA GLU B 119 6.51 31.43 13.27
C GLU B 119 7.22 30.43 14.16
N LEU B 120 6.53 29.99 15.21
CA LEU B 120 6.97 28.85 16.00
C LEU B 120 6.03 27.68 15.79
N ARG B 121 6.59 26.51 15.49
CA ARG B 121 5.84 25.28 15.40
C ARG B 121 6.17 24.32 16.53
N ALA B 122 5.16 23.54 16.94
CA ALA B 122 5.30 22.58 18.02
C ALA B 122 4.87 21.22 17.57
N THR B 123 5.42 20.20 18.24
CA THR B 123 5.01 18.83 18.01
C THR B 123 4.98 18.06 19.33
N MET B 124 4.37 16.87 19.31
CA MET B 124 4.26 16.00 20.49
C MET B 124 5.28 14.89 20.45
N ALA B 125 6.04 14.70 21.53
CA ALA B 125 6.99 13.60 21.63
C ALA B 125 6.66 12.63 22.76
N LEU B 126 5.97 11.55 22.41
CA LEU B 126 5.59 10.51 23.35
C LEU B 126 6.33 9.21 23.06
N THR B 127 6.28 8.76 21.80
CA THR B 127 6.74 7.44 21.40
C THR B 127 8.22 7.24 21.65
N GLU B 128 8.55 6.10 22.24
CA GLU B 128 9.92 5.69 22.47
C GLU B 128 10.28 4.52 21.55
N PRO B 129 11.57 4.33 21.25
CA PRO B 129 11.95 3.16 20.44
C PRO B 129 11.45 1.85 21.03
N GLY B 130 11.44 1.75 22.36
CA GLY B 130 10.98 0.54 23.07
C GLY B 130 9.46 0.36 23.13
N GLY B 131 8.71 1.37 22.72
CA GLY B 131 7.23 1.30 22.64
C GLY B 131 6.52 2.64 22.53
N GLY B 132 5.56 2.70 21.63
CA GLY B 132 4.63 3.81 21.58
C GLY B 132 3.31 3.53 22.25
N SER B 133 2.96 2.25 22.46
CA SER B 133 1.74 1.93 23.17
C SER B 133 1.94 1.90 24.68
N ASP B 134 2.98 1.18 25.13
CA ASP B 134 3.30 1.03 26.53
C ASP B 134 4.13 2.20 26.98
N LEU B 135 3.49 3.34 27.12
CA LEU B 135 4.19 4.57 27.49
C LEU B 135 4.68 4.58 28.95
N GLN B 136 4.01 3.82 29.81
CA GLN B 136 4.44 3.71 31.20
C GLN B 136 5.85 3.14 31.30
N ALA B 137 6.25 2.34 30.30
CA ALA B 137 7.57 1.75 30.29
C ALA B 137 8.64 2.68 29.71
N MET B 138 8.30 3.93 29.40
CA MET B 138 9.23 4.84 28.75
C MET B 138 10.50 5.03 29.59
N ARG B 139 11.59 5.31 28.90
CA ARG B 139 12.91 5.42 29.53
C ARG B 139 13.36 6.87 29.65
N THR B 140 12.70 7.79 28.94
CA THR B 140 13.12 9.18 29.00
C THR B 140 12.76 9.76 30.37
N VAL B 141 13.78 10.28 31.03
CA VAL B 141 13.68 10.82 32.38
C VAL B 141 14.09 12.28 32.43
N ALA B 142 13.47 13.03 33.34
CA ALA B 142 13.82 14.41 33.57
C ALA B 142 14.00 14.58 35.07
N ARG B 143 15.23 14.81 35.47
CA ARG B 143 15.57 14.86 36.88
CA ARG B 143 15.62 14.86 36.88
C ARG B 143 15.92 16.28 37.31
N ARG B 144 15.31 16.72 38.40
CA ARG B 144 15.52 18.06 38.88
C ARG B 144 16.95 18.23 39.38
N ASP B 145 17.59 19.33 38.99
CA ASP B 145 18.89 19.70 39.50
C ASP B 145 18.88 21.23 39.58
N GLY B 146 18.67 21.75 40.80
CA GLY B 146 18.55 23.17 41.01
C GLY B 146 17.27 23.66 40.36
N ASP B 147 17.37 24.64 39.50
CA ASP B 147 16.20 25.13 38.79
C ASP B 147 16.14 24.66 37.36
N ASP B 148 16.82 23.55 37.07
CA ASP B 148 16.71 22.86 35.79
C ASP B 148 16.14 21.46 35.95
N TYR B 149 15.54 20.98 34.87
CA TYR B 149 15.43 19.54 34.64
C TYR B 149 16.59 19.12 33.76
N VAL B 150 17.16 17.98 34.07
CA VAL B 150 18.15 17.32 33.24
C VAL B 150 17.48 16.13 32.57
N ILE B 151 17.41 16.20 31.24
CA ILE B 151 16.73 15.20 30.42
C ILE B 151 17.72 14.24 29.77
N ASN B 152 17.43 12.94 29.95
CA ASN B 152 18.14 11.87 29.29
C ASN B 152 17.19 10.84 28.71
N GLY B 153 17.46 10.37 27.50
CA GLY B 153 16.66 9.33 26.93
C GLY B 153 16.51 9.45 25.42
N SER B 154 15.45 8.85 24.89
CA SER B 154 15.21 8.92 23.44
C SER B 154 13.73 8.78 23.12
N LYS B 155 13.34 9.38 21.99
CA LYS B 155 12.00 9.24 21.41
C LYS B 155 12.19 8.89 19.94
N THR B 156 11.19 8.33 19.30
CA THR B 156 11.26 8.12 17.89
C THR B 156 9.91 8.25 17.22
N TRP B 157 9.95 8.31 15.89
CA TRP B 157 8.78 8.61 15.06
C TRP B 157 8.18 9.96 15.36
N ILE B 158 8.99 10.94 15.74
CA ILE B 158 8.43 12.23 16.11
C ILE B 158 8.28 13.11 14.87
N SER B 159 7.02 13.34 14.49
CA SER B 159 6.72 14.10 13.28
C SER B 159 7.06 15.58 13.44
N ASN B 160 7.52 16.16 12.35
CA ASN B 160 7.88 17.57 12.31
C ASN B 160 8.91 17.98 13.36
N ALA B 161 9.73 17.04 13.84
CA ALA B 161 10.70 17.34 14.88
C ALA B 161 11.78 18.33 14.51
N ARG B 162 12.15 18.40 13.24
CA ARG B 162 13.21 19.29 12.76
C ARG B 162 12.67 20.72 12.61
N ARG B 163 11.49 20.84 12.01
CA ARG B 163 10.88 22.13 11.74
C ARG B 163 10.21 22.73 12.99
N SER B 164 9.93 21.92 14.02
CA SER B 164 9.30 22.38 15.25
C SER B 164 10.33 22.76 16.30
N ASP B 165 10.31 24.01 16.76
CA ASP B 165 11.25 24.38 17.79
C ASP B 165 10.70 24.38 19.23
N LEU B 166 9.47 23.89 19.40
CA LEU B 166 8.96 23.53 20.74
C LEU B 166 8.43 22.13 20.69
N VAL B 167 8.85 21.30 21.62
CA VAL B 167 8.44 19.89 21.65
C VAL B 167 7.81 19.63 23.02
N ALA B 168 6.57 19.16 23.01
CA ALA B 168 5.91 18.72 24.22
C ALA B 168 6.35 17.29 24.51
N LEU B 169 7.24 17.15 25.48
CA LEU B 169 7.93 15.90 25.74
C LEU B 169 7.33 15.19 26.94
N MET B 170 6.78 14.00 26.73
CA MET B 170 6.28 13.20 27.85
C MET B 170 7.46 12.41 28.37
N CYS B 171 7.71 12.54 29.66
CA CYS B 171 8.90 11.97 30.30
C CYS B 171 8.66 11.69 31.77
N LYS B 172 9.53 10.89 32.38
CA LYS B 172 9.42 10.54 33.78
C LYS B 172 10.15 11.54 34.65
N THR B 173 9.38 12.37 35.36
CA THR B 173 9.94 13.26 36.39
C THR B 173 10.19 12.52 37.69
N ASP B 174 9.50 11.40 37.90
CA ASP B 174 9.83 10.52 39.02
C ASP B 174 9.70 9.07 38.60
N PRO B 175 10.82 8.44 38.22
CA PRO B 175 10.73 7.05 37.79
C PRO B 175 10.37 6.07 38.91
N ASP B 176 10.42 6.51 40.16
CA ASP B 176 10.12 5.65 41.30
C ASP B 176 8.74 5.93 41.90
N ALA B 177 7.87 6.62 41.18
CA ALA B 177 6.61 7.09 41.75
C ALA B 177 5.65 5.95 42.12
N GLN B 178 4.84 6.19 43.16
CA GLN B 178 3.81 5.26 43.57
C GLN B 178 2.49 6.00 43.69
N PRO B 179 1.49 5.67 42.84
CA PRO B 179 1.59 4.72 41.72
C PRO B 179 2.52 5.22 40.60
N ALA B 180 2.99 4.29 39.77
CA ALA B 180 4.00 4.60 38.78
C ALA B 180 3.54 5.64 37.74
N HIS B 181 2.24 5.69 37.47
CA HIS B 181 1.75 6.61 36.45
C HIS B 181 1.83 8.07 36.92
N LYS B 182 1.91 8.27 38.23
CA LYS B 182 2.09 9.60 38.80
C LYS B 182 3.52 10.13 38.68
N GLY B 183 4.42 9.36 38.10
CA GLY B 183 5.78 9.85 37.83
C GLY B 183 6.00 10.49 36.45
N VAL B 184 4.93 10.61 35.66
CA VAL B 184 5.02 11.07 34.26
C VAL B 184 4.46 12.45 34.08
N SER B 185 5.23 13.32 33.44
CA SER B 185 4.85 14.70 33.21
C SER B 185 5.12 15.09 31.78
N ILE B 186 4.68 16.27 31.40
CA ILE B 186 4.96 16.81 30.09
C ILE B 186 5.78 18.10 30.27
N LEU B 187 6.89 18.19 29.55
CA LEU B 187 7.74 19.37 29.58
C LEU B 187 7.74 19.98 28.19
N LEU B 188 7.72 21.32 28.14
CA LEU B 188 7.80 22.06 26.90
C LEU B 188 9.26 22.35 26.65
N VAL B 189 9.87 21.61 25.75
CA VAL B 189 11.31 21.63 25.53
C VAL B 189 11.67 22.35 24.23
N GLU B 190 12.50 23.37 24.36
CA GLU B 190 13.10 24.01 23.20
C GLU B 190 14.36 23.27 22.73
N LYS B 191 14.89 23.69 21.59
CA LYS B 191 16.08 23.07 21.01
C LYS B 191 17.38 23.47 21.76
N VAL B 192 17.57 22.88 22.93
CA VAL B 192 18.67 23.17 23.82
C VAL B 192 19.88 22.24 23.55
N PRO B 193 21.06 22.63 24.04
CA PRO B 193 22.22 21.76 23.92
C PRO B 193 21.91 20.39 24.54
N GLY B 194 22.22 19.32 23.83
CA GLY B 194 21.96 17.97 24.34
C GLY B 194 20.69 17.36 23.73
N PHE B 195 19.91 18.15 22.99
CA PHE B 195 18.69 17.66 22.36
C PHE B 195 19.03 17.48 20.87
N ASP B 196 19.22 16.24 20.45
CA ASP B 196 19.61 15.94 19.09
C ASP B 196 18.41 15.40 18.30
N VAL B 197 18.19 15.99 17.13
CA VAL B 197 17.19 15.49 16.18
C VAL B 197 17.99 14.70 15.16
N SER B 198 17.86 13.39 15.28
CA SER B 198 18.99 12.52 14.96
C SER B 198 18.96 12.04 13.55
N ARG B 199 17.78 11.73 13.01
CA ARG B 199 17.68 11.39 11.56
C ARG B 199 16.22 11.31 11.09
N ASP B 200 15.99 11.55 9.80
CA ASP B 200 14.66 11.39 9.17
C ASP B 200 14.42 9.93 8.87
N LEU B 201 13.31 9.36 9.34
CA LEU B 201 13.09 7.94 9.19
C LEU B 201 12.41 7.67 7.84
N PRO B 202 12.94 6.75 7.02
CA PRO B 202 12.29 6.52 5.74
C PRO B 202 10.98 5.74 5.86
N LYS B 203 9.97 6.22 5.12
CA LYS B 203 8.56 5.85 5.34
C LYS B 203 7.87 5.42 4.04
N LEU B 204 6.82 4.61 4.17
CA LEU B 204 6.01 4.15 3.05
C LEU B 204 5.23 5.31 2.39
N GLY B 205 4.69 6.19 3.23
CA GLY B 205 3.92 7.37 2.80
C GLY B 205 4.16 8.50 3.80
N TYR B 206 3.24 9.46 3.85
CA TYR B 206 3.39 10.61 4.73
C TYR B 206 4.69 11.32 4.36
N LYS B 207 4.97 11.41 3.08
CA LYS B 207 6.25 11.96 2.64
C LYS B 207 6.27 13.51 2.68
N GLY B 208 7.44 14.10 2.54
CA GLY B 208 7.56 15.57 2.65
C GLY B 208 7.76 16.05 4.08
N VAL B 209 6.89 15.59 4.98
CA VAL B 209 7.03 15.78 6.44
C VAL B 209 8.02 14.78 7.05
N GLU B 210 8.97 15.29 7.83
CA GLU B 210 9.97 14.45 8.48
C GLU B 210 9.39 13.82 9.75
N SER B 211 9.77 12.57 10.03
CA SER B 211 9.59 11.94 11.32
C SER B 211 10.94 11.47 11.79
N CYS B 212 11.27 11.77 13.04
CA CYS B 212 12.64 11.64 13.53
C CYS B 212 12.83 10.88 14.83
N GLU B 213 14.03 10.34 14.97
CA GLU B 213 14.54 9.92 16.25
C GLU B 213 15.17 11.11 16.98
N LEU B 214 14.82 11.22 18.26
CA LEU B 214 15.34 12.22 19.17
C LEU B 214 16.18 11.57 20.26
N ASN B 215 17.34 12.17 20.56
CA ASN B 215 18.21 11.69 21.62
C ASN B 215 18.57 12.83 22.55
N PHE B 216 18.29 12.65 23.84
CA PHE B 216 18.59 13.62 24.87
C PHE B 216 19.76 13.12 25.72
N THR B 217 20.83 13.92 25.75
CA THR B 217 22.00 13.67 26.56
C THR B 217 22.24 14.84 27.47
N ASP B 218 22.01 14.66 28.76
CA ASP B 218 22.30 15.70 29.77
C ASP B 218 21.69 17.03 29.33
N ALA B 219 20.46 16.98 28.82
CA ALA B 219 19.82 18.16 28.20
C ALA B 219 19.10 18.96 29.27
N ARG B 220 19.60 20.17 29.51
CA ARG B 220 19.10 21.02 30.58
CA ARG B 220 19.08 21.00 30.59
C ARG B 220 18.02 21.98 30.11
N VAL B 221 16.88 21.96 30.76
CA VAL B 221 15.82 22.95 30.54
C VAL B 221 15.42 23.50 31.90
N PRO B 222 14.93 24.73 31.94
CA PRO B 222 14.52 25.25 33.23
C PRO B 222 13.26 24.53 33.74
N VAL B 223 13.09 24.50 35.06
CA VAL B 223 11.92 23.81 35.66
C VAL B 223 10.60 24.44 35.24
N SER B 224 10.65 25.71 34.82
CA SER B 224 9.46 26.38 34.28
C SER B 224 8.96 25.75 32.96
N SER B 225 9.73 24.84 32.37
CA SER B 225 9.28 24.12 31.17
CA SER B 225 9.30 24.08 31.19
C SER B 225 8.14 23.14 31.46
N LEU B 226 7.92 22.81 32.74
CA LEU B 226 6.87 21.90 33.13
C LEU B 226 5.54 22.42 32.66
N LEU B 227 4.74 21.57 32.04
CA LEU B 227 3.39 21.97 31.63
C LEU B 227 2.49 21.84 32.85
N GLY B 228 2.00 22.96 33.33
CA GLY B 228 1.17 23.04 34.53
C GLY B 228 2.03 23.27 35.76
N ASP B 229 1.38 23.35 36.93
CA ASP B 229 2.07 23.63 38.19
C ASP B 229 2.60 22.38 38.87
N ASP B 230 2.06 21.21 38.57
CA ASP B 230 2.38 19.97 39.31
C ASP B 230 2.90 18.89 38.39
N GLU B 231 3.95 18.21 38.83
CA GLU B 231 4.45 16.99 38.18
C GLU B 231 3.45 15.85 38.34
N GLY B 232 3.49 14.90 37.43
CA GLY B 232 2.73 13.69 37.56
C GLY B 232 1.33 13.68 36.95
N ARG B 233 1.03 14.64 36.07
CA ARG B 233 -0.27 14.72 35.43
C ARG B 233 -0.23 14.53 33.92
N GLY B 234 0.93 14.06 33.45
CA GLY B 234 1.16 13.87 32.05
C GLY B 234 0.12 13.03 31.32
N PHE B 235 -0.23 11.86 31.88
CA PHE B 235 -1.23 10.99 31.25
C PHE B 235 -2.61 11.63 31.20
N ALA B 236 -3.03 12.25 32.28
CA ALA B 236 -4.31 12.93 32.31
C ALA B 236 -4.36 14.04 31.28
N GLN B 237 -3.29 14.82 31.19
CA GLN B 237 -3.20 15.90 30.22
C GLN B 237 -3.23 15.36 28.78
N MET B 238 -2.44 14.33 28.52
CA MET B 238 -2.44 13.73 27.18
CA MET B 238 -2.42 13.63 27.19
C MET B 238 -3.83 13.20 26.82
N MET B 239 -4.54 12.53 27.73
CA MET B 239 -5.90 12.06 27.41
C MET B 239 -6.76 13.17 26.84
N LYS B 240 -6.64 14.36 27.44
CA LYS B 240 -7.40 15.52 27.04
C LYS B 240 -6.95 16.03 25.67
N GLY B 241 -5.64 16.05 25.46
CA GLY B 241 -5.07 16.35 24.16
C GLY B 241 -5.46 15.35 23.07
N LEU B 242 -5.63 14.08 23.42
CA LEU B 242 -6.06 13.04 22.47
C LEU B 242 -7.50 13.20 21.93
N GLU B 243 -8.33 13.94 22.62
CA GLU B 243 -9.63 14.30 22.05
C GLU B 243 -9.43 15.05 20.72
N VAL B 244 -8.61 16.10 20.75
CA VAL B 244 -8.25 16.86 19.55
C VAL B 244 -7.48 15.97 18.58
N GLY B 245 -6.51 15.22 19.10
CA GLY B 245 -5.66 14.42 18.24
C GLY B 245 -6.42 13.34 17.46
N ARG B 246 -7.29 12.62 18.14
CA ARG B 246 -8.07 11.60 17.48
C ARG B 246 -9.03 12.21 16.43
N LEU B 247 -9.66 13.35 16.74
CA LEU B 247 -10.54 14.02 15.77
C LEU B 247 -9.77 14.48 14.54
N GLN B 248 -8.58 15.05 14.73
CA GLN B 248 -7.78 15.47 13.58
C GLN B 248 -7.29 14.29 12.75
N VAL B 249 -6.93 13.19 13.39
CA VAL B 249 -6.55 12.01 12.63
C VAL B 249 -7.73 11.43 11.86
N ALA B 250 -8.91 11.39 12.49
CA ALA B 250 -10.13 10.96 11.79
C ALA B 250 -10.38 11.80 10.54
N ALA B 251 -10.21 13.11 10.67
CA ALA B 251 -10.35 14.04 9.54
C ALA B 251 -9.31 13.80 8.46
N ARG B 252 -8.06 13.49 8.82
CA ARG B 252 -7.11 13.10 7.83
C ARG B 252 -7.57 11.94 6.99
N ALA B 253 -8.17 10.97 7.68
CA ALA B 253 -8.61 9.74 7.07
C ALA B 253 -9.83 10.00 6.18
N THR B 254 -10.79 10.82 6.63
CA THR B 254 -11.89 11.12 5.74
C THR B 254 -11.45 11.94 4.53
N GLY B 255 -10.38 12.72 4.68
CA GLY B 255 -9.85 13.54 3.59
C GLY B 255 -9.20 12.67 2.55
N VAL B 256 -8.37 11.73 3.00
CA VAL B 256 -7.74 10.78 2.09
C VAL B 256 -8.81 9.91 1.39
N ALA B 257 -9.79 9.45 2.15
CA ALA B 257 -10.93 8.75 1.58
C ALA B 257 -11.69 9.57 0.52
N ARG B 258 -11.90 10.86 0.77
CA ARG B 258 -12.62 11.72 -0.18
C ARG B 258 -11.84 11.75 -1.48
N ALA B 259 -10.51 11.84 -1.37
CA ALA B 259 -9.66 11.94 -2.56
C ALA B 259 -9.69 10.62 -3.36
N ALA B 260 -9.54 9.49 -2.69
CA ALA B 260 -9.57 8.21 -3.38
C ALA B 260 -10.94 7.96 -4.03
N PHE B 261 -12.01 8.21 -3.27
CA PHE B 261 -13.37 8.07 -3.79
C PHE B 261 -13.66 8.98 -4.99
N GLU B 262 -13.32 10.26 -4.89
CA GLU B 262 -13.50 11.16 -6.03
C GLU B 262 -12.80 10.65 -7.30
N ASP B 263 -11.55 10.21 -7.17
CA ASP B 263 -10.80 9.72 -8.33
C ASP B 263 -11.43 8.48 -8.92
N ALA B 264 -11.85 7.56 -8.07
CA ALA B 264 -12.48 6.33 -8.51
C ALA B 264 -13.81 6.61 -9.24
N LEU B 265 -14.62 7.49 -8.68
CA LEU B 265 -15.92 7.80 -9.29
C LEU B 265 -15.75 8.48 -10.63
N ARG B 266 -14.83 9.45 -10.70
CA ARG B 266 -14.52 10.11 -11.95
C ARG B 266 -13.98 9.11 -12.96
N TYR B 267 -12.96 8.33 -12.58
CA TYR B 267 -12.42 7.36 -13.53
C TYR B 267 -13.48 6.40 -14.06
N SER B 268 -14.41 6.00 -13.22
CA SER B 268 -15.45 5.01 -13.58
C SER B 268 -16.44 5.52 -14.63
N GLN B 269 -16.45 6.83 -14.81
CA GLN B 269 -17.22 7.46 -15.85
C GLN B 269 -16.38 7.71 -17.13
N GLU B 270 -15.07 7.84 -16.99
CA GLU B 270 -14.20 8.12 -18.12
C GLU B 270 -13.81 6.83 -18.85
N ARG B 271 -13.48 5.79 -18.12
CA ARG B 271 -13.06 4.53 -18.68
C ARG B 271 -14.29 3.70 -19.05
N GLU B 272 -14.23 3.08 -20.24
CA GLU B 272 -15.30 2.23 -20.75
C GLU B 272 -14.74 0.83 -21.06
N SER B 273 -15.59 -0.18 -20.95
CA SER B 273 -15.27 -1.51 -21.37
C SER B 273 -16.54 -2.22 -21.76
N PHE B 274 -16.43 -3.08 -22.76
CA PHE B 274 -17.56 -3.89 -23.25
C PHE B 274 -18.72 -3.00 -23.64
N GLY B 275 -18.41 -1.82 -24.19
CA GLY B 275 -19.44 -0.93 -24.71
C GLY B 275 -20.04 0.09 -23.72
N LYS B 276 -19.54 0.15 -22.48
CA LYS B 276 -20.07 1.15 -21.55
C LYS B 276 -19.10 1.64 -20.48
N PRO B 277 -19.43 2.81 -19.89
CA PRO B 277 -18.69 3.31 -18.71
C PRO B 277 -18.65 2.23 -17.65
N ILE B 278 -17.49 2.04 -17.06
CA ILE B 278 -17.29 0.89 -16.20
C ILE B 278 -18.15 0.89 -14.97
N TRP B 279 -18.59 2.06 -14.49
CA TRP B 279 -19.54 2.08 -13.35
C TRP B 279 -20.81 1.31 -13.62
N GLN B 280 -21.16 1.15 -14.89
CA GLN B 280 -22.38 0.44 -15.26
C GLN B 280 -22.19 -1.08 -15.22
N HIS B 281 -20.97 -1.57 -15.02
CA HIS B 281 -20.79 -2.99 -14.61
C HIS B 281 -21.02 -3.05 -13.10
N GLN B 282 -21.95 -3.88 -12.67
CA GLN B 282 -22.31 -3.97 -11.24
C GLN B 282 -21.11 -4.18 -10.33
N SER B 283 -20.13 -4.97 -10.76
CA SER B 283 -18.96 -5.20 -9.91
C SER B 283 -18.27 -3.89 -9.54
N VAL B 284 -18.23 -2.95 -10.49
CA VAL B 284 -17.65 -1.63 -10.23
C VAL B 284 -18.59 -0.68 -9.52
N GLY B 285 -19.83 -0.65 -9.98
CA GLY B 285 -20.84 0.20 -9.37
C GLY B 285 -21.09 -0.13 -7.93
N ASN B 286 -21.01 -1.42 -7.60
CA ASN B 286 -21.17 -1.87 -6.23
C ASN B 286 -20.04 -1.37 -5.35
N MET B 287 -18.82 -1.40 -5.86
CA MET B 287 -17.69 -0.86 -5.09
C MET B 287 -17.92 0.63 -4.84
N LEU B 288 -18.33 1.37 -5.87
CA LEU B 288 -18.58 2.81 -5.69
C LEU B 288 -19.66 3.06 -4.64
N ALA B 289 -20.75 2.29 -4.70
CA ALA B 289 -21.83 2.45 -3.74
C ALA B 289 -21.36 2.18 -2.31
N ASP B 290 -20.56 1.12 -2.14
CA ASP B 290 -20.06 0.76 -0.82
CA ASP B 290 -20.04 0.73 -0.84
C ASP B 290 -19.09 1.82 -0.32
N MET B 291 -18.21 2.29 -1.20
CA MET B 291 -17.24 3.35 -0.86
C MET B 291 -17.94 4.64 -0.42
N GLY B 292 -18.90 5.07 -1.23
CA GLY B 292 -19.61 6.31 -0.97
C GLY B 292 -20.43 6.21 0.31
N THR B 293 -21.07 5.06 0.51
CA THR B 293 -21.88 4.82 1.71
C THR B 293 -21.02 4.84 3.00
N LYS B 294 -19.90 4.12 3.00
CA LYS B 294 -18.96 4.11 4.14
C LYS B 294 -18.38 5.49 4.39
N LEU B 295 -18.06 6.21 3.32
CA LEU B 295 -17.49 7.56 3.47
C LEU B 295 -18.49 8.48 4.14
N TYR B 296 -19.76 8.42 3.69
CA TYR B 296 -20.85 9.19 4.29
C TYR B 296 -21.00 8.82 5.76
N ALA B 297 -20.95 7.52 6.06
CA ALA B 297 -21.02 7.09 7.49
C ALA B 297 -19.90 7.69 8.31
N ALA B 298 -18.69 7.65 7.76
CA ALA B 298 -17.52 8.09 8.48
C ALA B 298 -17.53 9.59 8.70
N ARG B 299 -17.94 10.35 7.67
CA ARG B 299 -18.00 11.81 7.85
C ARG B 299 -19.13 12.19 8.82
N SER B 300 -20.25 11.45 8.79
CA SER B 300 -21.36 11.74 9.69
C SER B 300 -20.94 11.53 11.13
N LEU B 301 -20.24 10.43 11.37
CA LEU B 301 -19.71 10.13 12.70
C LEU B 301 -18.72 11.23 13.17
N LEU B 302 -17.78 11.56 12.29
CA LEU B 302 -16.81 12.62 12.56
C LEU B 302 -17.45 13.97 12.95
N LEU B 303 -18.44 14.40 12.17
CA LEU B 303 -19.07 15.68 12.40
C LEU B 303 -19.89 15.61 13.69
N SER B 304 -20.54 14.47 13.96
CA SER B 304 -21.24 14.28 15.24
C SER B 304 -20.29 14.42 16.43
N ALA B 305 -19.17 13.72 16.35
CA ALA B 305 -18.17 13.82 17.41
C ALA B 305 -17.59 15.22 17.55
N ALA B 306 -17.35 15.93 16.43
CA ALA B 306 -16.87 17.29 16.52
C ALA B 306 -17.86 18.23 17.21
N GLU B 307 -19.15 18.09 16.90
CA GLU B 307 -20.17 18.92 17.53
C GLU B 307 -20.24 18.63 19.03
N LYS B 308 -20.16 17.36 19.42
CA LYS B 308 -20.17 17.02 20.86
C LYS B 308 -19.01 17.70 21.58
N PHE B 309 -17.82 17.64 20.97
CA PHE B 309 -16.63 18.30 21.52
C PHE B 309 -17.00 19.75 21.80
N ASP B 310 -17.58 20.40 20.79
CA ASP B 310 -17.80 21.83 20.81
C ASP B 310 -18.95 22.24 21.72
N ALA B 311 -19.95 21.36 21.86
CA ALA B 311 -21.08 21.61 22.76
C ALA B 311 -20.67 21.41 24.22
N GLY B 312 -19.42 20.99 24.45
CA GLY B 312 -18.94 20.80 25.81
C GLY B 312 -19.39 19.48 26.39
N GLN B 313 -19.97 18.62 25.56
CA GLN B 313 -20.43 17.32 26.01
C GLN B 313 -19.25 16.34 26.03
N ARG B 314 -19.38 15.26 26.76
CA ARG B 314 -18.39 14.21 26.74
C ARG B 314 -18.23 13.67 25.32
N CYS B 315 -16.99 13.59 24.87
CA CYS B 315 -16.68 13.23 23.49
C CYS B 315 -15.43 12.38 23.38
N ASP B 316 -14.91 11.88 24.52
CA ASP B 316 -13.65 11.16 24.50
C ASP B 316 -13.80 9.81 23.75
N MET B 317 -14.84 9.07 24.06
CA MET B 317 -15.12 7.80 23.37
C MET B 317 -15.48 8.06 21.89
N GLU B 318 -16.27 9.09 21.65
CA GLU B 318 -16.75 9.39 20.32
C GLU B 318 -15.59 9.80 19.38
N ALA B 319 -14.62 10.54 19.92
CA ALA B 319 -13.40 10.87 19.18
C ALA B 319 -12.59 9.62 18.78
N GLY B 320 -12.43 8.68 19.70
CA GLY B 320 -11.75 7.42 19.41
C GLY B 320 -12.51 6.59 18.38
N MET B 321 -13.85 6.58 18.49
CA MET B 321 -14.67 5.89 17.50
C MET B 321 -14.51 6.50 16.12
N ALA B 322 -14.43 7.84 16.07
CA ALA B 322 -14.28 8.53 14.81
C ALA B 322 -12.95 8.14 14.18
N LYS B 323 -11.91 8.12 15.01
CA LYS B 323 -10.56 7.78 14.50
C LYS B 323 -10.51 6.36 13.99
N LEU B 324 -11.05 5.42 14.78
CA LEU B 324 -11.06 4.01 14.42
C LEU B 324 -11.88 3.78 13.14
N PHE B 325 -13.10 4.29 13.10
CA PHE B 325 -13.94 4.06 11.95
C PHE B 325 -13.38 4.71 10.68
N ALA B 326 -12.97 5.99 10.79
CA ALA B 326 -12.55 6.70 9.62
C ALA B 326 -11.25 6.11 9.03
N SER B 327 -10.30 5.78 9.89
CA SER B 327 -9.02 5.22 9.43
C SER B 327 -9.18 3.85 8.75
N GLU B 328 -10.03 2.98 9.30
CA GLU B 328 -10.29 1.67 8.68
C GLU B 328 -11.02 1.89 7.34
N THR B 329 -12.01 2.81 7.36
CA THR B 329 -12.75 3.14 6.16
C THR B 329 -11.82 3.70 5.06
N ALA B 330 -10.92 4.62 5.41
CA ALA B 330 -10.01 5.18 4.39
C ALA B 330 -9.14 4.12 3.73
N MET B 331 -8.65 3.16 4.52
CA MET B 331 -7.84 2.04 3.99
C MET B 331 -8.67 1.19 3.01
N GLN B 332 -9.91 0.89 3.39
CA GLN B 332 -10.80 0.11 2.51
C GLN B 332 -11.08 0.84 1.19
N ILE B 333 -11.40 2.14 1.31
CA ILE B 333 -11.70 2.94 0.15
C ILE B 333 -10.45 3.10 -0.73
N ALA B 334 -9.27 3.27 -0.10
CA ALA B 334 -8.04 3.45 -0.89
C ALA B 334 -7.77 2.21 -1.75
N LEU B 335 -7.91 1.02 -1.17
CA LEU B 335 -7.68 -0.20 -1.94
C LEU B 335 -8.69 -0.34 -3.07
N ASP B 336 -9.97 -0.07 -2.78
CA ASP B 336 -11.02 -0.24 -3.79
C ASP B 336 -10.86 0.78 -4.92
N ALA B 337 -10.35 1.97 -4.61
CA ALA B 337 -10.05 2.96 -5.66
C ALA B 337 -8.95 2.46 -6.58
N VAL B 338 -7.95 1.74 -6.04
CA VAL B 338 -6.91 1.11 -6.85
C VAL B 338 -7.60 0.11 -7.78
N ARG B 339 -8.52 -0.69 -7.22
CA ARG B 339 -9.19 -1.76 -7.98
C ARG B 339 -9.97 -1.15 -9.15
N VAL B 340 -10.65 -0.05 -8.87
CA VAL B 340 -11.46 0.64 -9.89
C VAL B 340 -10.64 1.07 -11.09
N HIS B 341 -9.37 1.41 -10.86
CA HIS B 341 -8.46 1.85 -11.93
C HIS B 341 -7.82 0.69 -12.72
N GLY B 342 -8.08 -0.54 -12.33
CA GLY B 342 -7.45 -1.67 -12.98
C GLY B 342 -5.93 -1.52 -12.91
N GLY B 343 -5.24 -1.82 -14.00
CA GLY B 343 -3.78 -1.78 -14.00
C GLY B 343 -3.23 -0.41 -13.67
N TYR B 344 -3.91 0.63 -14.11
CA TYR B 344 -3.47 1.99 -13.88
C TYR B 344 -3.49 2.37 -12.40
N GLY B 345 -4.24 1.63 -11.61
CA GLY B 345 -4.20 1.83 -10.17
C GLY B 345 -2.82 1.62 -9.58
N TYR B 346 -2.03 0.78 -10.25
CA TYR B 346 -0.69 0.40 -9.84
C TYR B 346 0.38 1.42 -10.31
N SER B 347 -0.01 2.37 -11.15
CA SER B 347 0.92 3.33 -11.75
C SER B 347 1.11 4.53 -10.85
N THR B 348 2.35 4.98 -10.66
CA THR B 348 2.63 6.18 -9.87
C THR B 348 2.37 7.47 -10.64
N GLU B 349 1.93 7.36 -11.90
CA GLU B 349 1.40 8.48 -12.67
C GLU B 349 -0.07 8.77 -12.37
N TYR B 350 -0.72 7.86 -11.65
CA TYR B 350 -2.07 8.08 -11.10
C TYR B 350 -1.91 8.27 -9.58
N ASP B 351 -2.93 8.81 -8.94
CA ASP B 351 -2.81 9.26 -7.55
C ASP B 351 -3.28 8.20 -6.53
N VAL B 352 -4.05 7.22 -6.97
CA VAL B 352 -4.67 6.29 -6.04
C VAL B 352 -3.60 5.47 -5.30
N GLU B 353 -2.45 5.21 -5.92
CA GLU B 353 -1.39 4.48 -5.22
C GLU B 353 -0.85 5.26 -4.04
N ARG B 354 -0.83 6.60 -4.16
CA ARG B 354 -0.40 7.42 -3.06
C ARG B 354 -1.39 7.34 -1.88
N TYR B 355 -2.70 7.43 -2.17
CA TYR B 355 -3.68 7.31 -1.08
C TYR B 355 -3.54 5.97 -0.39
N PHE B 356 -3.29 4.93 -1.17
CA PHE B 356 -3.12 3.57 -0.66
C PHE B 356 -1.90 3.50 0.27
N ARG B 357 -0.82 4.19 -0.09
CA ARG B 357 0.39 4.22 0.74
C ARG B 357 0.21 5.09 1.99
N ASP B 358 -0.63 6.12 1.90
CA ASP B 358 -0.83 7.06 3.01
C ASP B 358 -1.81 6.54 4.08
N ALA B 359 -2.80 5.77 3.65
CA ALA B 359 -3.88 5.35 4.54
C ALA B 359 -3.46 4.53 5.78
N PRO B 360 -2.52 3.62 5.64
CA PRO B 360 -2.07 2.87 6.80
C PRO B 360 -1.46 3.72 7.93
N LEU B 361 -0.98 4.91 7.60
CA LEU B 361 -0.42 5.79 8.64
C LEU B 361 -1.40 6.05 9.75
N MET B 362 -2.67 6.33 9.41
CA MET B 362 -3.69 6.67 10.41
CA MET B 362 -3.62 6.66 10.46
C MET B 362 -4.12 5.45 11.22
N ILE B 363 -3.81 4.27 10.73
CA ILE B 363 -4.11 3.01 11.40
C ILE B 363 -3.03 2.60 12.42
N VAL B 364 -1.76 2.64 12.02
CA VAL B 364 -0.65 2.09 12.83
C VAL B 364 0.25 3.13 13.48
N GLY B 365 0.15 4.36 13.00
CA GLY B 365 1.13 5.40 13.32
C GLY B 365 0.55 6.64 13.98
N GLU B 366 -0.69 6.57 14.43
CA GLU B 366 -1.26 7.68 15.24
C GLU B 366 -2.00 7.05 16.42
N GLY B 367 -1.22 6.39 17.28
CA GLY B 367 -1.76 5.34 18.15
C GLY B 367 -2.30 4.21 17.24
N THR B 368 -2.21 2.97 17.69
CA THR B 368 -2.74 1.89 16.86
C THR B 368 -4.24 1.63 17.05
N ASN B 369 -4.84 1.00 16.06
CA ASN B 369 -6.23 0.68 16.16
C ASN B 369 -6.52 -0.44 17.16
N GLU B 370 -5.53 -1.30 17.47
CA GLU B 370 -5.72 -2.29 18.54
C GLU B 370 -5.83 -1.57 19.90
N ILE B 371 -4.94 -0.61 20.14
CA ILE B 371 -5.04 0.15 21.38
C ILE B 371 -6.35 0.93 21.41
N GLN B 372 -6.71 1.52 20.27
CA GLN B 372 -7.94 2.31 20.22
C GLN B 372 -9.19 1.46 20.58
N ARG B 373 -9.26 0.22 20.10
CA ARG B 373 -10.41 -0.65 20.46
C ARG B 373 -10.41 -0.96 21.93
N ASN B 374 -9.24 -1.23 22.51
CA ASN B 374 -9.15 -1.47 23.96
C ASN B 374 -9.73 -0.30 24.74
N VAL B 375 -9.39 0.90 24.29
CA VAL B 375 -9.77 2.12 25.01
C VAL B 375 -11.29 2.29 24.90
N ILE B 376 -11.82 2.03 23.71
CA ILE B 376 -13.26 2.14 23.44
C ILE B 376 -14.05 1.11 24.26
N ALA B 377 -13.55 -0.12 24.37
CA ALA B 377 -14.28 -1.15 25.16
C ALA B 377 -14.44 -0.72 26.62
N LYS B 378 -13.36 -0.20 27.18
CA LYS B 378 -13.33 0.24 28.55
C LYS B 378 -14.27 1.44 28.76
N GLN B 379 -14.25 2.36 27.80
CA GLN B 379 -15.14 3.53 27.81
C GLN B 379 -16.60 3.12 27.69
N LEU B 380 -16.90 2.17 26.80
CA LEU B 380 -18.27 1.70 26.70
C LEU B 380 -18.79 1.15 28.02
N VAL B 381 -17.95 0.41 28.73
CA VAL B 381 -18.32 -0.14 30.03
C VAL B 381 -18.48 0.97 31.10
N ALA B 382 -17.57 1.93 31.09
CA ALA B 382 -17.60 3.03 32.04
C ALA B 382 -18.89 3.83 31.85
N ARG B 383 -19.25 4.04 30.58
CA ARG B 383 -20.45 4.79 30.22
C ARG B 383 -21.75 4.03 30.29
N GLY B 384 -21.70 2.71 30.11
CA GLY B 384 -22.90 1.89 30.05
C GLY B 384 -23.53 1.81 28.64
N GLY B 385 -22.81 2.27 27.63
CA GLY B 385 -23.23 2.11 26.27
C GLY B 385 -23.07 3.40 25.50
N LEU B 386 -23.82 3.53 24.42
CA LEU B 386 -23.76 4.74 23.61
C LEU B 386 -24.62 5.84 24.24
N ASP B 387 -24.29 7.07 23.93
CA ASP B 387 -25.06 8.21 24.38
C ASP B 387 -26.28 8.37 23.47
N ILE B 388 -27.41 7.80 23.90
CA ILE B 388 -28.63 7.84 23.12
C ILE B 388 -29.73 8.24 24.09
PA FDA C . -10.09 -2.30 -17.26
O1A FDA C . -10.04 -0.89 -17.79
O2A FDA C . -10.50 -3.47 -18.10
O5B FDA C . -11.04 -2.31 -15.97
C5B FDA C . -11.09 -1.22 -15.04
C4B FDA C . -11.97 -1.66 -13.86
O4B FDA C . -13.26 -2.05 -14.38
C3B FDA C . -11.42 -2.86 -13.13
O3B FDA C . -11.87 -2.80 -11.80
C2B FDA C . -12.11 -4.02 -13.85
O2B FDA C . -12.18 -5.20 -13.08
C1B FDA C . -13.47 -3.42 -14.08
N9A FDA C . -14.14 -4.03 -15.23
C8A FDA C . -13.81 -3.88 -16.52
N7A FDA C . -14.67 -4.56 -17.27
C5A FDA C . -15.58 -5.18 -16.45
C6A FDA C . -16.73 -6.09 -16.61
N6A FDA C . -17.13 -6.50 -17.85
N1A FDA C . -17.37 -6.49 -15.48
C2A FDA C . -16.97 -6.10 -14.26
N3A FDA C . -15.91 -5.28 -14.03
C4A FDA C . -15.21 -4.82 -15.09
N1 FDA C . -0.82 -7.51 -19.46
C2 FDA C . -0.21 -8.19 -20.44
O2 FDA C . -0.82 -8.42 -21.51
N3 FDA C . 1.03 -8.66 -20.27
C4 FDA C . 1.75 -8.44 -19.16
O4 FDA C . 2.89 -8.88 -19.07
C4X FDA C . 1.17 -7.72 -18.05
N5 FDA C . 1.80 -7.45 -16.89
C5X FDA C . 1.34 -6.42 -16.12
C6 FDA C . 2.17 -5.80 -15.17
C7 FDA C . 1.70 -4.78 -14.38
C7M FDA C . 2.60 -4.12 -13.38
C8 FDA C . 0.39 -4.35 -14.52
C8M FDA C . -0.22 -3.27 -13.70
C9 FDA C . -0.44 -4.95 -15.43
C9A FDA C . 0.01 -5.96 -16.25
N10 FDA C . -0.85 -6.55 -17.23
C10 FDA C . -0.22 -7.25 -18.28
C1' FDA C . -2.05 -5.80 -17.63
C2' FDA C . -3.19 -6.32 -16.77
O2' FDA C . -3.50 -7.68 -17.07
C3' FDA C . -4.36 -5.34 -16.94
O3' FDA C . -4.11 -4.17 -16.13
C4' FDA C . -5.65 -5.99 -16.52
O4' FDA C . -6.05 -6.81 -17.61
C5' FDA C . -6.79 -5.01 -16.26
O5' FDA C . -6.89 -4.15 -17.36
P FDA C . -7.28 -2.64 -17.38
O1P FDA C . -6.34 -1.87 -16.53
O2P FDA C . -7.33 -2.35 -18.82
O3P FDA C . -8.70 -2.68 -16.62
PA FDA D . 3.82 -1.35 19.61
O1A FDA D . 3.26 -0.69 20.85
O2A FDA D . 5.18 -1.98 19.63
O5B FDA D . 2.74 -2.42 19.10
C5B FDA D . 3.02 -3.39 18.07
C4B FDA D . 1.74 -4.20 17.79
O4B FDA D . 1.21 -4.78 18.99
C3B FDA D . 0.62 -3.32 17.25
O3B FDA D . -0.24 -4.13 16.41
C2B FDA D . -0.07 -2.90 18.52
O2B FDA D . -1.43 -2.48 18.35
C1B FDA D . -0.04 -4.19 19.30
N9A FDA D . -0.17 -4.00 20.77
C8A FDA D . 0.76 -3.47 21.59
N7A FDA D . 0.33 -3.49 22.87
C5A FDA D . -0.91 -4.04 22.85
C6A FDA D . -1.93 -4.36 23.84
N6A FDA D . -1.70 -4.08 25.12
N1A FDA D . -3.09 -4.93 23.45
C2A FDA D . -3.31 -5.23 22.16
N3A FDA D . -2.42 -4.96 21.19
C4A FDA D . -1.22 -4.40 21.48
N1 FDA D . 4.52 9.34 18.00
C2 FDA D . 4.72 10.49 18.63
O2 FDA D . 4.89 10.47 19.87
N3 FDA D . 4.73 11.67 17.98
C4 FDA D . 4.56 11.79 16.66
O4 FDA D . 4.61 12.92 16.11
C4X FDA D . 4.31 10.56 15.89
N5 FDA D . 4.16 10.54 14.55
C5X FDA D . 4.36 9.39 13.87
C6 FDA D . 4.63 9.39 12.49
C7 FDA D . 4.80 8.21 11.78
C7M FDA D . 5.13 8.23 10.31
C8 FDA D . 4.69 6.97 12.45
C8M FDA D . 4.85 5.64 11.76
C9 FDA D . 4.43 6.97 13.81
C9A FDA D . 4.28 8.16 14.54
N10 FDA D . 4.06 8.10 15.93
C10 FDA D . 4.32 9.29 16.66
C1' FDA D . 4.37 6.84 16.61
C2' FDA D . 3.06 6.09 16.75
O2' FDA D . 2.19 6.75 17.67
C3' FDA D . 3.38 4.67 17.23
O3' FDA D . 3.87 3.94 16.10
C4' FDA D . 2.18 3.94 17.79
O4' FDA D . 2.04 4.43 19.14
C5' FDA D . 2.42 2.43 17.88
O5' FDA D . 3.66 2.19 18.51
P FDA D . 4.64 0.99 18.23
O1P FDA D . 5.68 1.12 19.34
O2P FDA D . 5.09 1.04 16.81
O3P FDA D . 3.68 -0.29 18.41
#